data_8T3Y
#
_entry.id   8T3Y
#
_cell.length_a   1.00
_cell.length_b   1.00
_cell.length_c   1.00
_cell.angle_alpha   90.00
_cell.angle_beta   90.00
_cell.angle_gamma   90.00
#
_symmetry.space_group_name_H-M   'P 1'
#
loop_
_entity.id
_entity.type
_entity.pdbx_description
1 polymer 'Histone H3.2'
2 polymer 'Histone H4'
3 polymer 'Histone H2A type 1'
4 polymer 'Histone H2B'
5 polymer '601 DNA Strand 1'
6 polymer '601 DNA Strand 2'
7 polymer 'E3 ubiquitin-protein ligase BRE1'
8 non-polymer 'ZINC ION'
#
loop_
_entity_poly.entity_id
_entity_poly.type
_entity_poly.pdbx_seq_one_letter_code
_entity_poly.pdbx_strand_id
1 'polypeptide(L)'
;ARTKQTARKSTGGKAPRKQLATKAARKSAPATGGVKKPHRYRPGTVALREIRRYQKSTELLIRKLPFQRLVREIAQDFKT
DLRFQSSAVMALQEASEAYLVALFEDTNLCAIHAKRVTIMPKDIQLARRIRGERA
;
A,E
2 'polypeptide(L)'
;SGRGKGGKGLGKGGAKRHRKVLRDNIQGITKPAIRRLARRGGVKRISGLIYEETRGVLKVFLENVIRDAVTYTEHAKRKT
VTAMDVVYALKRQGRTLYGFGG
;
B,F
3 'polypeptide(L)'
;SGRGKQGGKTRAKAKTRSSRAGLQFPVGRVHRLLRKGNYAERVGAGAPVYLAAVLEYLTAEILELAGNAARDNKKTRIIP
RHLQLAVRNDEELNKLLGRVTIAQGGVLPNIQSVLLPKKTESSKSAKSK
;
C,G
4 'polypeptide(L)'
;AKSAPAPKKGSKKAVTKTQKKDGKKRRKTRKESYAIYVYKVLKQVHPDTGISSKAMSIMNSFVNDVFERIAGEASRLAHY
NKRSTITSREIQTAVRLLLPGELAKHAVSEGTKAVTKYTSAK
;
D,H
5 'polydeoxyribonucleotide'
;(DT)(DC)(DG)(DA)(DG)(DA)(DA)(DT)(DC)(DC)(DC)(DG)(DG)(DT)(DG)(DC)(DC)(DG)(DA)(DG)
(DG)(DC)(DC)(DG)(DC)(DT)(DC)(DA)(DA)(DT)(DT)(DG)(DG)(DT)(DC)(DG)(DT)(DA)(DG)(DA)
(DC)(DA)(DG)(DC)(DT)(DC)(DT)(DA)(DG)(DC)(DA)(DC)(DC)(DG)(DC)(DT)(DT)(DA)(DA)(DA)
(DC)(DG)(DC)(DA)(DC)(DG)(DT)(DA)(DC)(DG)(DC)(DG)(DC)(DT)(DG)(DT)(DC)(DC)(DC)(DC)
(DC)(DG)(DC)(DG)(DT)(DT)(DT)(DT)(DA)(DA)(DC)(DC)(DG)(DC)(DC)(DA)(DA)(DG)(DG)(DG)
(DG)(DA)(DT)(DT)(DA)(DC)(DT)(DC)(DC)(DC)(DT)(DA)(DG)(DT)(DC)(DT)(DC)(DC)(DA)(DG)
(DG)(DC)(DA)(DC)(DG)(DT)(DG)(DT)(DC)(DA)(DG)(DA)(DT)(DA)(DT)(DA)(DT)(DA)(DC)(DA)
(DT)(DC)(DC)(DG)(DA)(DT)
;
I
6 'polydeoxyribonucleotide'
;(DA)(DT)(DC)(DG)(DG)(DA)(DT)(DG)(DT)(DA)(DT)(DA)(DT)(DA)(DT)(DC)(DT)(DG)(DA)(DC)
(DA)(DC)(DG)(DT)(DG)(DC)(DC)(DT)(DG)(DG)(DA)(DG)(DA)(DC)(DT)(DA)(DG)(DG)(DG)(DA)
(DG)(DT)(DA)(DA)(DT)(DC)(DC)(DC)(DC)(DT)(DT)(DG)(DG)(DC)(DG)(DG)(DT)(DT)(DA)(DA)
(DA)(DA)(DC)(DG)(DC)(DG)(DG)(DG)(DG)(DG)(DA)(DC)(DA)(DG)(DC)(DG)(DC)(DG)(DT)(DA)
(DC)(DG)(DT)(DG)(DC)(DG)(DT)(DT)(DT)(DA)(DA)(DG)(DC)(DG)(DG)(DT)(DG)(DC)(DT)(DA)
(DG)(DA)(DG)(DC)(DT)(DG)(DT)(DC)(DT)(DA)(DC)(DG)(DA)(DC)(DC)(DA)(DA)(DT)(DT)(DG)
(DA)(DG)(DC)(DG)(DG)(DC)(DC)(DT)(DC)(DG)(DG)(DC)(DA)(DC)(DC)(DG)(DG)(DG)(DA)(DT)
(DT)(DC)(DT)(DC)(DG)(DA)
;
J
7 'polypeptide(L)'
;KLNDTEIELKHFKQKASHLESKCEKLHDTLFRGNNKNKGSSDEALVEELANFRTLVYCSLCSKNWKNMAIKTCGHVFCEN
CCKERLAARMRKCPTCNKAFSSNDLLTVHL
;
K,L
#
loop_
_chem_comp.id
_chem_comp.type
_chem_comp.name
_chem_comp.formula
DA DNA linking 2'-DEOXYADENOSINE-5'-MONOPHOSPHATE 'C10 H14 N5 O6 P'
DC DNA linking 2'-DEOXYCYTIDINE-5'-MONOPHOSPHATE 'C9 H14 N3 O7 P'
DG DNA linking 2'-DEOXYGUANOSINE-5'-MONOPHOSPHATE 'C10 H14 N5 O7 P'
DT DNA linking THYMIDINE-5'-MONOPHOSPHATE 'C10 H15 N2 O8 P'
ZN non-polymer 'ZINC ION' 'Zn 2'
#
# COMPACT_ATOMS: atom_id res chain seq x y z
N PRO A 38 -18.87 -2.46 50.15
CA PRO A 38 -17.44 -2.66 49.89
C PRO A 38 -16.89 -1.66 48.88
N HIS A 39 -16.07 -2.14 47.95
CA HIS A 39 -15.39 -1.28 46.98
C HIS A 39 -15.68 -1.78 45.57
N ARG A 40 -16.05 -0.87 44.68
CA ARG A 40 -16.33 -1.19 43.28
C ARG A 40 -15.71 -0.13 42.39
N TYR A 41 -15.67 -0.41 41.10
CA TYR A 41 -15.17 0.50 40.09
C TYR A 41 -16.28 0.91 39.14
N ARG A 42 -16.21 2.13 38.66
CA ARG A 42 -17.18 2.60 37.67
C ARG A 42 -17.02 1.81 36.38
N PRO A 43 -18.11 1.53 35.67
CA PRO A 43 -18.01 0.77 34.41
C PRO A 43 -17.20 1.54 33.38
N GLY A 44 -16.04 0.97 33.02
CA GLY A 44 -15.21 1.58 31.99
C GLY A 44 -13.75 1.71 32.37
N THR A 45 -13.46 1.94 33.65
CA THR A 45 -12.08 2.14 34.08
C THR A 45 -11.25 0.87 33.88
N VAL A 46 -11.79 -0.28 34.25
CA VAL A 46 -11.08 -1.54 34.05
C VAL A 46 -10.86 -1.79 32.56
N ALA A 47 -11.87 -1.46 31.75
CA ALA A 47 -11.72 -1.61 30.31
C ALA A 47 -10.58 -0.76 29.77
N LEU A 48 -10.50 0.50 30.21
CA LEU A 48 -9.43 1.37 29.74
C LEU A 48 -8.06 0.87 30.18
N ARG A 49 -7.94 0.44 31.45
CA ARG A 49 -6.64 -0.01 31.92
C ARG A 49 -6.21 -1.30 31.22
N GLU A 50 -7.15 -2.20 30.93
CA GLU A 50 -6.76 -3.41 30.23
C GLU A 50 -6.49 -3.14 28.75
N ILE A 51 -7.13 -2.12 28.16
CA ILE A 51 -6.75 -1.68 26.82
C ILE A 51 -5.30 -1.23 26.82
N ARG A 52 -4.95 -0.42 27.81
CA ARG A 52 -3.61 0.09 27.96
C ARG A 52 -2.64 -1.02 28.20
N ARG A 53 -3.13 -2.10 28.78
CA ARG A 53 -2.29 -3.23 29.11
C ARG A 53 -1.94 -4.05 27.93
N TYR A 54 -2.93 -4.43 27.14
CA TYR A 54 -2.72 -5.26 25.97
C TYR A 54 -2.16 -4.58 24.76
N GLN A 55 -2.00 -3.26 24.79
CA GLN A 55 -1.43 -2.56 23.66
C GLN A 55 0.02 -2.24 23.95
N LYS A 56 0.59 -2.90 24.94
CA LYS A 56 1.97 -2.67 25.32
C LYS A 56 2.72 -3.97 25.40
N SER A 57 2.02 -5.08 25.36
CA SER A 57 2.65 -6.38 25.40
C SER A 57 2.86 -6.88 24.01
N THR A 58 3.23 -8.15 23.87
CA THR A 58 3.52 -8.65 22.53
C THR A 58 3.31 -10.14 22.24
N GLU A 59 2.84 -10.92 23.20
CA GLU A 59 2.65 -12.35 22.97
C GLU A 59 1.33 -12.67 22.27
N LEU A 60 1.08 -13.95 21.99
CA LEU A 60 -0.14 -14.38 21.32
C LEU A 60 -1.32 -14.40 22.27
N LEU A 61 -2.51 -14.08 21.78
CA LEU A 61 -3.69 -14.01 22.62
C LEU A 61 -4.57 -15.24 22.67
N ILE A 62 -4.62 -16.02 21.60
CA ILE A 62 -5.41 -17.25 21.55
C ILE A 62 -4.59 -18.41 22.05
N ARG A 63 -5.24 -19.35 22.74
CA ARG A 63 -4.57 -20.54 23.21
C ARG A 63 -4.13 -21.41 22.03
N LYS A 64 -3.04 -22.14 22.24
CA LYS A 64 -2.32 -22.78 21.15
C LYS A 64 -2.89 -24.14 20.76
N LEU A 65 -3.18 -25.00 21.72
CA LEU A 65 -3.65 -26.34 21.41
C LEU A 65 -5.02 -26.36 20.72
N PRO A 66 -6.04 -25.63 21.19
CA PRO A 66 -7.30 -25.60 20.44
C PRO A 66 -7.15 -25.04 19.03
N PHE A 67 -6.29 -24.04 18.85
CA PHE A 67 -6.06 -23.51 17.51
C PHE A 67 -5.40 -24.56 16.61
N GLN A 68 -4.44 -25.31 17.15
CA GLN A 68 -3.83 -26.38 16.38
C GLN A 68 -4.86 -27.42 15.98
N ARG A 69 -5.74 -27.78 16.91
CA ARG A 69 -6.81 -28.72 16.60
C ARG A 69 -7.74 -28.18 15.51
N LEU A 70 -8.06 -26.89 15.59
CA LEU A 70 -8.90 -26.28 14.57
C LEU A 70 -8.25 -26.33 13.19
N VAL A 71 -6.95 -26.04 13.13
CA VAL A 71 -6.25 -26.08 11.84
C VAL A 71 -6.24 -27.50 11.29
N ARG A 72 -5.93 -28.48 12.15
CA ARG A 72 -5.90 -29.87 11.69
C ARG A 72 -7.28 -30.34 11.23
N GLU A 73 -8.34 -29.84 11.85
CA GLU A 73 -9.68 -30.23 11.40
C GLU A 73 -10.07 -29.55 10.10
N ILE A 74 -9.71 -28.28 9.92
CA ILE A 74 -10.03 -27.58 8.69
C ILE A 74 -9.30 -28.19 7.51
N ALA A 75 -8.03 -28.55 7.70
CA ALA A 75 -7.24 -29.11 6.60
C ALA A 75 -7.69 -30.49 6.17
N GLN A 76 -8.58 -31.14 6.93
CA GLN A 76 -8.96 -32.52 6.62
C GLN A 76 -9.82 -32.61 5.36
N ASP A 77 -10.51 -31.54 4.99
CA ASP A 77 -11.46 -31.59 3.88
C ASP A 77 -10.81 -31.35 2.52
N PHE A 78 -9.50 -31.16 2.48
CA PHE A 78 -8.77 -31.02 1.22
C PHE A 78 -7.95 -32.23 0.86
N LYS A 79 -7.24 -32.81 1.82
CA LYS A 79 -6.45 -34.01 1.59
C LYS A 79 -6.22 -34.70 2.94
N THR A 80 -6.71 -35.92 3.07
CA THR A 80 -6.59 -36.64 4.33
C THR A 80 -5.15 -37.11 4.55
N ASP A 81 -4.84 -37.41 5.81
CA ASP A 81 -3.55 -37.93 6.23
C ASP A 81 -2.42 -36.96 5.85
N LEU A 82 -2.47 -35.80 6.50
CA LEU A 82 -1.47 -34.76 6.35
C LEU A 82 -0.68 -34.59 7.65
N ARG A 83 0.46 -33.92 7.53
CA ARG A 83 1.32 -33.63 8.67
C ARG A 83 1.72 -32.16 8.62
N PHE A 84 1.94 -31.58 9.80
CA PHE A 84 2.25 -30.16 9.94
C PHE A 84 3.54 -29.97 10.72
N GLN A 85 4.36 -29.03 10.26
CA GLN A 85 5.48 -28.55 11.05
C GLN A 85 4.98 -27.56 12.10
N SER A 86 5.79 -27.36 13.14
CA SER A 86 5.41 -26.41 14.19
C SER A 86 5.42 -24.98 13.65
N SER A 87 6.40 -24.66 12.80
CA SER A 87 6.52 -23.31 12.27
C SER A 87 5.31 -22.93 11.42
N ALA A 88 4.75 -23.89 10.70
CA ALA A 88 3.56 -23.61 9.89
C ALA A 88 2.39 -23.18 10.76
N VAL A 89 2.15 -23.90 11.86
CA VAL A 89 1.07 -23.54 12.77
C VAL A 89 1.35 -22.18 13.40
N MET A 90 2.61 -21.92 13.78
CA MET A 90 2.94 -20.62 14.37
C MET A 90 2.68 -19.49 13.39
N ALA A 91 3.07 -19.66 12.12
CA ALA A 91 2.84 -18.63 11.12
C ALA A 91 1.35 -18.41 10.89
N LEU A 92 0.58 -19.50 10.84
CA LEU A 92 -0.87 -19.37 10.68
C LEU A 92 -1.47 -18.58 11.83
N GLN A 93 -1.06 -18.88 13.06
CA GLN A 93 -1.58 -18.16 14.22
C GLN A 93 -1.22 -16.68 14.16
N GLU A 94 0.03 -16.36 13.80
CA GLU A 94 0.44 -14.97 13.73
C GLU A 94 -0.37 -14.20 12.70
N ALA A 95 -0.55 -14.79 11.51
CA ALA A 95 -1.33 -14.13 10.47
C ALA A 95 -2.78 -13.91 10.90
N SER A 96 -3.39 -14.93 11.53
CA SER A 96 -4.76 -14.79 11.97
C SER A 96 -4.91 -13.69 13.02
N GLU A 97 -3.99 -13.65 13.98
CA GLU A 97 -4.04 -12.61 15.01
C GLU A 97 -3.92 -11.23 14.39
N ALA A 98 -2.98 -11.05 13.45
CA ALA A 98 -2.80 -9.75 12.83
C ALA A 98 -4.07 -9.33 12.08
N TYR A 99 -4.67 -10.25 11.32
CA TYR A 99 -5.87 -9.92 10.56
C TYR A 99 -7.02 -9.51 11.48
N LEU A 100 -7.26 -10.30 12.53
CA LEU A 100 -8.38 -9.99 13.42
C LEU A 100 -8.15 -8.68 14.16
N VAL A 101 -6.92 -8.44 14.62
CA VAL A 101 -6.64 -7.20 15.31
C VAL A 101 -6.83 -6.01 14.38
N ALA A 102 -6.35 -6.11 13.13
CA ALA A 102 -6.53 -5.03 12.17
C ALA A 102 -7.98 -4.79 11.79
N LEU A 103 -8.84 -5.81 11.88
CA LEU A 103 -10.26 -5.62 11.58
C LEU A 103 -11.06 -5.04 12.74
N PHE A 104 -10.76 -5.44 13.98
CA PHE A 104 -11.47 -4.86 15.13
C PHE A 104 -11.19 -3.38 15.32
N GLU A 105 -10.08 -2.85 14.80
CA GLU A 105 -9.81 -1.42 14.90
C GLU A 105 -10.36 -0.63 13.72
N ASP A 106 -10.85 -1.31 12.69
CA ASP A 106 -11.63 -0.66 11.64
C ASP A 106 -13.11 -0.67 11.90
N THR A 107 -13.64 -1.72 12.55
CA THR A 107 -15.06 -1.68 12.92
C THR A 107 -15.35 -0.63 13.99
N ASN A 108 -14.43 -0.39 14.91
CA ASN A 108 -14.58 0.66 15.92
C ASN A 108 -14.68 2.05 15.31
N LEU A 109 -13.93 2.31 14.24
CA LEU A 109 -13.93 3.63 13.62
C LEU A 109 -15.25 3.96 12.92
N CYS A 110 -16.00 2.94 12.48
CA CYS A 110 -17.31 3.15 11.88
C CYS A 110 -18.43 2.97 12.91
N ALA A 111 -18.14 2.38 14.06
CA ALA A 111 -19.07 2.43 15.18
C ALA A 111 -19.23 3.82 15.78
N ILE A 112 -18.13 4.59 15.85
CA ILE A 112 -18.20 5.96 16.34
C ILE A 112 -18.94 6.87 15.38
N HIS A 113 -18.86 6.62 14.08
CA HIS A 113 -19.44 7.49 13.07
C HIS A 113 -20.95 7.66 13.25
N ALA A 114 -21.63 6.72 13.90
CA ALA A 114 -23.06 6.81 14.14
C ALA A 114 -23.37 7.35 15.53
N LYS A 115 -22.43 8.09 16.13
CA LYS A 115 -22.59 8.65 17.47
C LYS A 115 -22.93 7.55 18.48
N ARG A 116 -22.14 6.48 18.45
CA ARG A 116 -22.36 5.31 19.27
C ARG A 116 -21.02 4.79 19.78
N VAL A 117 -21.06 4.04 20.87
CA VAL A 117 -19.83 3.63 21.54
C VAL A 117 -19.81 2.12 21.74
N THR A 118 -20.62 1.39 20.96
CA THR A 118 -20.68 -0.07 21.05
C THR A 118 -20.61 -0.66 19.65
N ILE A 119 -19.69 -1.60 19.45
CA ILE A 119 -19.53 -2.21 18.13
C ILE A 119 -20.66 -3.21 17.88
N MET A 120 -21.02 -3.37 16.62
CA MET A 120 -22.16 -4.18 16.23
C MET A 120 -21.84 -4.98 14.97
N PRO A 121 -22.56 -6.10 14.75
CA PRO A 121 -22.35 -6.87 13.52
C PRO A 121 -22.59 -6.09 12.25
N LYS A 122 -23.52 -5.13 12.27
CA LYS A 122 -23.71 -4.30 11.08
C LYS A 122 -22.49 -3.42 10.84
N ASP A 123 -21.84 -2.95 11.91
CA ASP A 123 -20.59 -2.23 11.74
C ASP A 123 -19.51 -3.12 11.12
N ILE A 124 -19.40 -4.36 11.60
CA ILE A 124 -18.42 -5.28 11.01
C ILE A 124 -18.72 -5.51 9.53
N GLN A 125 -19.99 -5.74 9.20
CA GLN A 125 -20.36 -6.00 7.81
C GLN A 125 -20.07 -4.80 6.93
N LEU A 126 -20.37 -3.59 7.41
CA LEU A 126 -20.08 -2.39 6.63
C LEU A 126 -18.58 -2.24 6.39
N ALA A 127 -17.77 -2.47 7.44
CA ALA A 127 -16.33 -2.36 7.28
C ALA A 127 -15.82 -3.37 6.24
N ARG A 128 -16.29 -4.61 6.32
CA ARG A 128 -15.85 -5.63 5.38
C ARG A 128 -16.29 -5.29 3.95
N ARG A 129 -17.51 -4.78 3.80
CA ARG A 129 -17.99 -4.39 2.48
C ARG A 129 -17.18 -3.25 1.89
N ILE A 130 -16.85 -2.25 2.70
CA ILE A 130 -16.09 -1.11 2.20
C ILE A 130 -14.66 -1.54 1.84
N ARG A 131 -14.06 -2.42 2.64
CA ARG A 131 -12.68 -2.84 2.39
C ARG A 131 -12.55 -3.52 1.03
N GLY A 132 -13.59 -4.24 0.60
CA GLY A 132 -13.59 -4.82 -0.72
C GLY A 132 -13.39 -6.32 -0.76
N GLU A 133 -13.95 -7.03 0.21
CA GLU A 133 -13.85 -8.49 0.26
C GLU A 133 -14.56 -9.13 -0.92
N ASN B 25 -12.89 -28.12 17.92
CA ASN B 25 -13.40 -27.46 16.72
C ASN B 25 -13.45 -25.95 16.90
N ILE B 26 -14.48 -25.32 16.32
CA ILE B 26 -14.57 -23.86 16.26
C ILE B 26 -14.98 -23.30 17.61
N GLN B 27 -15.32 -24.17 18.56
CA GLN B 27 -15.69 -23.75 19.90
C GLN B 27 -14.47 -23.55 20.81
N GLY B 28 -13.27 -23.80 20.29
CA GLY B 28 -12.07 -23.52 21.06
C GLY B 28 -11.68 -22.06 21.11
N ILE B 29 -12.22 -21.25 20.22
CA ILE B 29 -12.00 -19.81 20.24
C ILE B 29 -13.00 -19.21 21.22
N THR B 30 -12.59 -19.11 22.48
CA THR B 30 -13.52 -18.77 23.55
C THR B 30 -13.79 -17.27 23.61
N LYS B 31 -14.83 -16.91 24.35
CA LYS B 31 -15.25 -15.52 24.46
C LYS B 31 -14.20 -14.61 25.07
N PRO B 32 -13.54 -14.97 26.19
CA PRO B 32 -12.44 -14.10 26.67
C PRO B 32 -11.32 -13.94 25.66
N ALA B 33 -10.99 -15.00 24.91
CA ALA B 33 -9.96 -14.89 23.90
C ALA B 33 -10.36 -13.93 22.80
N ILE B 34 -11.63 -13.99 22.38
CA ILE B 34 -12.12 -13.04 21.38
C ILE B 34 -12.07 -11.62 21.92
N ARG B 35 -12.49 -11.42 23.17
CA ARG B 35 -12.55 -10.10 23.76
C ARG B 35 -11.17 -9.48 23.99
N ARG B 36 -10.14 -10.29 24.28
CA ARG B 36 -8.80 -9.75 24.39
C ARG B 36 -8.31 -9.14 23.09
N LEU B 37 -8.62 -9.77 21.95
CA LEU B 37 -8.27 -9.19 20.66
C LEU B 37 -8.95 -7.85 20.44
N ALA B 38 -10.23 -7.75 20.83
CA ALA B 38 -10.95 -6.49 20.72
C ALA B 38 -10.32 -5.43 21.63
N ARG B 39 -9.90 -5.83 22.83
CA ARG B 39 -9.23 -4.89 23.73
C ARG B 39 -7.93 -4.38 23.13
N ARG B 40 -7.14 -5.26 22.51
CA ARG B 40 -5.93 -4.79 21.82
C ARG B 40 -6.30 -3.87 20.66
N GLY B 41 -7.40 -4.16 19.97
CA GLY B 41 -7.84 -3.29 18.90
C GLY B 41 -8.16 -1.89 19.39
N GLY B 42 -8.84 -1.80 20.53
CA GLY B 42 -9.09 -0.50 21.15
C GLY B 42 -10.54 -0.17 21.43
N VAL B 43 -11.40 -1.19 21.46
CA VAL B 43 -12.82 -0.96 21.73
C VAL B 43 -13.04 -0.98 23.23
N LYS B 44 -14.16 -0.38 23.65
CA LYS B 44 -14.50 -0.26 25.07
C LYS B 44 -15.77 -0.98 25.46
N ARG B 45 -16.73 -1.15 24.54
CA ARG B 45 -17.97 -1.84 24.84
C ARG B 45 -18.28 -2.78 23.68
N ILE B 46 -18.71 -3.99 24.00
CA ILE B 46 -18.91 -5.04 23.00
C ILE B 46 -20.33 -5.58 23.13
N SER B 47 -21.05 -5.62 22.02
CA SER B 47 -22.38 -6.21 22.00
C SER B 47 -22.29 -7.73 22.12
N GLY B 48 -23.39 -8.34 22.53
CA GLY B 48 -23.38 -9.77 22.83
C GLY B 48 -23.37 -10.67 21.62
N LEU B 49 -23.62 -10.14 20.43
CA LEU B 49 -23.70 -10.95 19.21
C LEU B 49 -22.42 -10.98 18.41
N ILE B 50 -21.35 -10.36 18.92
CA ILE B 50 -20.13 -10.16 18.13
C ILE B 50 -19.39 -11.47 17.92
N TYR B 51 -19.36 -12.33 18.94
CA TYR B 51 -18.50 -13.51 18.91
C TYR B 51 -18.91 -14.47 17.80
N GLU B 52 -20.22 -14.70 17.64
CA GLU B 52 -20.71 -15.59 16.60
C GLU B 52 -20.36 -15.05 15.22
N GLU B 53 -20.40 -13.72 15.06
CA GLU B 53 -20.03 -13.11 13.80
C GLU B 53 -18.55 -13.31 13.50
N THR B 54 -17.70 -13.11 14.50
CA THR B 54 -16.25 -13.18 14.28
C THR B 54 -15.75 -14.61 14.05
N ARG B 55 -16.38 -15.61 14.68
CA ARG B 55 -15.94 -16.98 14.44
C ARG B 55 -16.11 -17.37 12.97
N GLY B 56 -17.26 -17.04 12.39
CA GLY B 56 -17.51 -17.30 10.98
C GLY B 56 -16.68 -16.46 10.03
N VAL B 57 -16.16 -15.34 10.49
CA VAL B 57 -15.20 -14.57 9.69
C VAL B 57 -13.81 -15.19 9.71
N LEU B 58 -13.32 -15.62 10.86
CA LEU B 58 -12.04 -16.31 10.94
C LEU B 58 -12.02 -17.63 10.19
N LYS B 59 -13.11 -18.40 10.27
CA LYS B 59 -13.19 -19.68 9.57
C LYS B 59 -13.09 -19.54 8.06
N VAL B 60 -13.55 -18.43 7.49
CA VAL B 60 -13.41 -18.18 6.06
C VAL B 60 -11.96 -17.86 5.66
N PHE B 61 -11.26 -17.03 6.41
CA PHE B 61 -9.87 -16.69 6.14
C PHE B 61 -8.94 -17.89 6.25
N LEU B 62 -9.14 -18.72 7.28
CA LEU B 62 -8.30 -19.90 7.42
C LEU B 62 -8.43 -20.85 6.24
N GLU B 63 -9.65 -21.07 5.74
CA GLU B 63 -9.83 -21.93 4.57
C GLU B 63 -9.09 -21.38 3.36
N ASN B 64 -9.19 -20.07 3.12
CA ASN B 64 -8.53 -19.45 1.99
C ASN B 64 -7.01 -19.63 2.04
N VAL B 65 -6.41 -19.46 3.22
CA VAL B 65 -4.97 -19.68 3.30
C VAL B 65 -4.60 -21.16 3.17
N ILE B 66 -5.32 -22.05 3.85
CA ILE B 66 -4.96 -23.46 3.88
C ILE B 66 -5.12 -24.14 2.52
N ARG B 67 -6.13 -23.76 1.73
CA ARG B 67 -6.27 -24.38 0.42
C ARG B 67 -5.06 -24.15 -0.47
N ASP B 68 -4.56 -22.91 -0.55
CA ASP B 68 -3.34 -22.64 -1.29
C ASP B 68 -2.12 -23.31 -0.68
N ALA B 69 -2.02 -23.35 0.65
CA ALA B 69 -0.91 -24.07 1.28
C ALA B 69 -0.89 -25.54 0.86
N VAL B 70 -2.06 -26.18 0.87
CA VAL B 70 -2.15 -27.58 0.48
C VAL B 70 -1.85 -27.78 -1.00
N THR B 71 -2.31 -26.88 -1.88
CA THR B 71 -1.94 -27.00 -3.28
C THR B 71 -0.43 -26.91 -3.47
N TYR B 72 0.22 -25.97 -2.78
CA TYR B 72 1.67 -25.85 -2.88
C TYR B 72 2.37 -27.10 -2.36
N THR B 73 1.94 -27.65 -1.23
CA THR B 73 2.58 -28.82 -0.68
C THR B 73 2.27 -30.10 -1.46
N GLU B 74 1.20 -30.10 -2.25
CA GLU B 74 0.87 -31.25 -3.07
C GLU B 74 1.55 -31.24 -4.43
N HIS B 75 1.86 -30.07 -4.98
CA HIS B 75 2.57 -30.03 -6.25
C HIS B 75 3.94 -30.70 -6.19
N ALA B 76 4.60 -30.69 -5.04
CA ALA B 76 5.97 -31.19 -4.92
C ALA B 76 6.03 -32.63 -4.44
N LYS B 77 4.90 -33.36 -4.45
CA LYS B 77 4.85 -34.77 -4.06
C LYS B 77 5.32 -34.99 -2.64
N ARG B 78 5.02 -34.03 -1.76
CA ARG B 78 5.34 -34.15 -0.34
C ARG B 78 4.08 -34.53 0.43
N LYS B 79 4.29 -34.93 1.69
CA LYS B 79 3.20 -35.33 2.56
C LYS B 79 3.11 -34.49 3.83
N THR B 80 4.02 -33.54 4.02
CA THR B 80 3.98 -32.65 5.17
C THR B 80 3.98 -31.21 4.66
N VAL B 81 2.98 -30.43 5.10
CA VAL B 81 2.93 -29.02 4.73
C VAL B 81 3.92 -28.26 5.61
N THR B 82 4.85 -27.56 4.97
CA THR B 82 5.91 -26.88 5.70
C THR B 82 5.61 -25.39 5.84
N ALA B 83 6.46 -24.70 6.59
CA ALA B 83 6.24 -23.28 6.85
C ALA B 83 6.41 -22.44 5.59
N MET B 84 7.29 -22.84 4.68
CA MET B 84 7.52 -22.05 3.48
C MET B 84 6.30 -22.05 2.57
N ASP B 85 5.55 -23.16 2.54
CA ASP B 85 4.31 -23.18 1.76
C ASP B 85 3.30 -22.19 2.32
N VAL B 86 3.17 -22.12 3.64
CA VAL B 86 2.28 -21.14 4.25
C VAL B 86 2.75 -19.73 3.93
N VAL B 87 4.06 -19.48 4.01
CA VAL B 87 4.58 -18.16 3.68
C VAL B 87 4.28 -17.77 2.24
N TYR B 88 4.49 -18.67 1.28
CA TYR B 88 4.16 -18.39 -0.11
C TYR B 88 2.67 -18.16 -0.33
N ALA B 89 1.82 -18.99 0.28
CA ALA B 89 0.38 -18.81 0.13
C ALA B 89 -0.08 -17.48 0.70
N LEU B 90 0.47 -17.06 1.83
CA LEU B 90 0.20 -15.71 2.34
C LEU B 90 0.74 -14.64 1.41
N LYS B 91 1.92 -14.83 0.83
CA LYS B 91 2.52 -13.83 -0.03
C LYS B 91 1.70 -13.57 -1.29
N ARG B 92 1.17 -14.62 -1.92
CA ARG B 92 0.43 -14.42 -3.16
C ARG B 92 -0.96 -13.82 -2.94
N GLN B 93 -1.40 -13.68 -1.70
CA GLN B 93 -2.70 -13.10 -1.39
C GLN B 93 -2.60 -11.63 -1.00
N GLY B 94 -1.46 -10.99 -1.23
CA GLY B 94 -1.30 -9.60 -0.83
C GLY B 94 -1.01 -9.41 0.64
N ARG B 95 -0.51 -10.44 1.31
CA ARG B 95 -0.17 -10.35 2.72
C ARG B 95 1.16 -11.03 3.01
N THR B 96 2.26 -10.29 2.90
CA THR B 96 3.56 -10.87 3.18
C THR B 96 3.83 -10.85 4.68
N LEU B 97 4.73 -11.74 5.11
CA LEU B 97 4.99 -11.96 6.53
C LEU B 97 6.49 -12.16 6.73
N TYR B 98 7.11 -11.23 7.44
CA TYR B 98 8.52 -11.35 7.78
C TYR B 98 8.70 -12.16 9.07
N GLY B 99 9.84 -12.82 9.18
CA GLY B 99 10.24 -13.49 10.40
C GLY B 99 10.26 -15.00 10.35
N PHE B 100 9.97 -15.63 9.21
CA PHE B 100 10.01 -17.09 9.11
C PHE B 100 10.87 -17.56 7.95
N GLY B 101 11.74 -16.70 7.43
CA GLY B 101 12.63 -17.10 6.36
C GLY B 101 12.07 -16.81 4.98
N GLY B 102 12.96 -16.54 4.02
CA GLY B 102 12.55 -16.26 2.66
C GLY B 102 12.12 -14.83 2.44
N ALA C 14 1.82 -32.34 -44.45
CA ALA C 14 2.18 -31.26 -43.55
C ALA C 14 0.95 -30.70 -42.85
N LYS C 15 0.76 -31.10 -41.60
CA LYS C 15 -0.38 -30.66 -40.80
C LYS C 15 0.07 -29.64 -39.76
N THR C 16 -0.83 -28.73 -39.42
CA THR C 16 -0.56 -27.74 -38.40
C THR C 16 -0.58 -28.37 -37.01
N ARG C 17 0.19 -27.78 -36.09
CA ARG C 17 0.27 -28.30 -34.74
C ARG C 17 -1.00 -28.09 -33.94
N SER C 18 -1.84 -27.13 -34.32
CA SER C 18 -3.09 -26.89 -33.62
C SER C 18 -4.22 -27.80 -34.09
N SER C 19 -4.25 -28.17 -35.37
CA SER C 19 -5.28 -29.08 -35.86
C SER C 19 -5.14 -30.47 -35.25
N ARG C 20 -3.91 -30.89 -34.94
CA ARG C 20 -3.72 -32.20 -34.32
C ARG C 20 -4.40 -32.24 -32.95
N ALA C 21 -4.24 -31.18 -32.15
CA ALA C 21 -4.91 -31.10 -30.87
C ALA C 21 -6.41 -30.92 -31.04
N GLY C 22 -6.81 -30.14 -32.03
CA GLY C 22 -8.21 -29.85 -32.27
C GLY C 22 -8.70 -28.52 -31.75
N LEU C 23 -7.82 -27.52 -31.68
CA LEU C 23 -8.15 -26.20 -31.14
C LEU C 23 -8.27 -25.19 -32.27
N GLN C 24 -8.75 -23.99 -31.91
CA GLN C 24 -8.82 -22.89 -32.84
C GLN C 24 -7.69 -21.89 -32.65
N PHE C 25 -7.10 -21.84 -31.46
CA PHE C 25 -6.02 -20.93 -31.16
C PHE C 25 -4.70 -21.47 -31.69
N PRO C 26 -3.73 -20.59 -31.99
CA PRO C 26 -2.46 -21.07 -32.55
C PRO C 26 -1.50 -21.63 -31.51
N VAL C 27 -1.00 -22.83 -31.74
CA VAL C 27 -0.06 -23.44 -30.81
C VAL C 27 1.37 -22.95 -31.03
N GLY C 28 1.81 -22.80 -32.27
CA GLY C 28 3.18 -22.40 -32.53
C GLY C 28 3.47 -20.98 -32.05
N ARG C 29 2.51 -20.07 -32.25
CA ARG C 29 2.69 -18.70 -31.78
C ARG C 29 2.81 -18.66 -30.27
N VAL C 30 1.97 -19.42 -29.57
CA VAL C 30 2.06 -19.48 -28.11
C VAL C 30 3.39 -20.08 -27.69
N HIS C 31 3.86 -21.12 -28.39
CA HIS C 31 5.13 -21.73 -28.05
C HIS C 31 6.28 -20.74 -28.17
N ARG C 32 6.32 -19.99 -29.27
CA ARG C 32 7.43 -19.07 -29.46
C ARG C 32 7.32 -17.85 -28.56
N LEU C 33 6.10 -17.45 -28.20
CA LEU C 33 5.92 -16.37 -27.23
C LEU C 33 6.34 -16.80 -25.83
N LEU C 34 6.09 -18.06 -25.48
CA LEU C 34 6.46 -18.58 -24.17
C LEU C 34 7.95 -18.90 -24.08
N ARG C 35 8.59 -19.18 -25.22
CA ARG C 35 10.00 -19.52 -25.27
C ARG C 35 10.88 -18.28 -25.47
N LYS C 36 10.27 -17.10 -25.51
CA LYS C 36 11.07 -15.88 -25.73
C LYS C 36 10.70 -14.76 -24.76
N GLY C 37 9.96 -15.04 -23.70
CA GLY C 37 9.57 -14.00 -22.76
C GLY C 37 10.35 -14.02 -21.45
N ASN C 38 11.43 -14.79 -21.42
CA ASN C 38 12.28 -14.94 -20.24
C ASN C 38 11.47 -15.44 -19.04
N TYR C 39 10.92 -16.64 -19.21
CA TYR C 39 10.20 -17.34 -18.14
C TYR C 39 11.02 -18.47 -17.55
N ALA C 40 11.51 -19.37 -18.38
CA ALA C 40 12.36 -20.47 -17.93
C ALA C 40 13.38 -20.78 -19.02
N GLU C 41 14.44 -21.47 -18.64
CA GLU C 41 15.50 -21.83 -19.57
C GLU C 41 15.04 -22.81 -20.64
N ARG C 42 14.11 -23.71 -20.30
CA ARG C 42 13.60 -24.68 -21.26
C ARG C 42 12.08 -24.72 -21.16
N VAL C 43 11.44 -25.12 -22.25
CA VAL C 43 9.98 -25.20 -22.32
C VAL C 43 9.61 -26.58 -22.84
N GLY C 44 8.75 -27.29 -22.11
CA GLY C 44 8.33 -28.62 -22.50
C GLY C 44 7.48 -28.63 -23.76
N ALA C 45 7.42 -29.79 -24.42
CA ALA C 45 6.68 -29.89 -25.67
C ALA C 45 5.18 -29.77 -25.45
N GLY C 46 4.67 -30.35 -24.38
CA GLY C 46 3.24 -30.40 -24.14
C GLY C 46 2.66 -29.22 -23.40
N ALA C 47 3.48 -28.20 -23.16
CA ALA C 47 3.02 -27.02 -22.44
C ALA C 47 2.17 -26.08 -23.31
N PRO C 48 2.61 -25.73 -24.53
CA PRO C 48 1.76 -24.86 -25.36
C PRO C 48 0.42 -25.48 -25.69
N VAL C 49 0.35 -26.80 -25.89
CA VAL C 49 -0.93 -27.43 -26.19
C VAL C 49 -1.89 -27.29 -25.02
N TYR C 50 -1.39 -27.47 -23.79
CA TYR C 50 -2.22 -27.30 -22.60
C TYR C 50 -2.62 -25.85 -22.39
N LEU C 51 -1.72 -24.91 -22.65
CA LEU C 51 -2.01 -23.50 -22.39
C LEU C 51 -2.95 -22.89 -23.44
N ALA C 52 -2.83 -23.30 -24.70
CA ALA C 52 -3.71 -22.78 -25.75
C ALA C 52 -5.12 -23.33 -25.68
N ALA C 53 -5.35 -24.40 -24.92
CA ALA C 53 -6.69 -24.93 -24.72
C ALA C 53 -7.43 -24.26 -23.58
N VAL C 54 -6.72 -23.68 -22.62
CA VAL C 54 -7.36 -22.90 -21.56
C VAL C 54 -7.72 -21.50 -22.04
N LEU C 55 -6.86 -20.86 -22.83
CA LEU C 55 -7.17 -19.53 -23.36
C LEU C 55 -8.41 -19.53 -24.23
N GLU C 56 -8.69 -20.63 -24.92
CA GLU C 56 -9.86 -20.73 -25.78
C GLU C 56 -11.15 -20.90 -25.00
N TYR C 57 -11.12 -21.55 -23.84
CA TYR C 57 -12.35 -21.79 -23.08
C TYR C 57 -12.89 -20.50 -22.47
N LEU C 58 -12.02 -19.67 -21.88
CA LEU C 58 -12.48 -18.46 -21.20
C LEU C 58 -13.10 -17.47 -22.16
N THR C 59 -12.49 -17.29 -23.34
CA THR C 59 -13.02 -16.35 -24.31
C THR C 59 -14.40 -16.77 -24.80
N ALA C 60 -14.60 -18.07 -25.07
CA ALA C 60 -15.93 -18.54 -25.44
C ALA C 60 -16.91 -18.37 -24.29
N GLU C 61 -16.46 -18.63 -23.06
CA GLU C 61 -17.31 -18.50 -21.89
C GLU C 61 -17.87 -17.09 -21.77
N ILE C 62 -17.02 -16.07 -21.95
CA ILE C 62 -17.50 -14.70 -21.85
C ILE C 62 -18.22 -14.25 -23.11
N LEU C 63 -17.85 -14.76 -24.28
CA LEU C 63 -18.41 -14.33 -25.55
C LEU C 63 -19.79 -14.91 -25.80
N GLU C 64 -20.15 -16.00 -25.14
CA GLU C 64 -21.54 -16.47 -25.13
C GLU C 64 -22.47 -15.59 -24.30
N LEU C 65 -22.05 -15.21 -23.10
CA LEU C 65 -22.84 -14.31 -22.27
C LEU C 65 -22.98 -12.94 -22.92
N ALA C 66 -21.91 -12.44 -23.54
CA ALA C 66 -22.01 -11.16 -24.25
C ALA C 66 -23.01 -11.27 -25.41
N GLY C 67 -22.99 -12.38 -26.14
CA GLY C 67 -23.94 -12.55 -27.22
C GLY C 67 -25.38 -12.60 -26.74
N ASN C 68 -25.63 -13.32 -25.64
CA ASN C 68 -26.98 -13.35 -25.07
C ASN C 68 -27.43 -11.97 -24.61
N ALA C 69 -26.54 -11.23 -23.95
CA ALA C 69 -26.90 -9.88 -23.51
C ALA C 69 -27.21 -8.97 -24.70
N ALA C 70 -26.44 -9.09 -25.78
CA ALA C 70 -26.72 -8.31 -26.98
C ALA C 70 -28.06 -8.72 -27.59
N ARG C 71 -28.35 -10.01 -27.62
CA ARG C 71 -29.62 -10.49 -28.17
C ARG C 71 -30.82 -10.01 -27.37
N ASP C 72 -30.72 -9.91 -26.05
CA ASP C 72 -31.83 -9.40 -25.25
C ASP C 72 -32.13 -7.93 -25.50
N ASN C 73 -31.23 -7.20 -26.16
CA ASN C 73 -31.44 -5.80 -26.47
C ASN C 73 -31.84 -5.57 -27.93
N LYS C 74 -32.20 -6.64 -28.65
CA LYS C 74 -32.66 -6.59 -30.03
C LYS C 74 -31.59 -6.10 -31.00
N LYS C 75 -30.33 -6.10 -30.59
CA LYS C 75 -29.24 -5.73 -31.48
C LYS C 75 -28.63 -6.99 -32.10
N THR C 76 -27.70 -6.80 -33.04
CA THR C 76 -27.04 -7.93 -33.70
C THR C 76 -25.53 -7.75 -33.74
N ARG C 77 -24.98 -6.88 -32.89
CA ARG C 77 -23.53 -6.76 -32.74
C ARG C 77 -23.16 -6.80 -31.27
N ILE C 78 -21.89 -6.57 -30.94
CA ILE C 78 -21.45 -6.58 -29.55
C ILE C 78 -20.67 -5.31 -29.26
N ILE C 79 -21.34 -4.32 -28.68
CA ILE C 79 -20.69 -3.08 -28.25
C ILE C 79 -20.12 -3.31 -26.86
N PRO C 80 -19.19 -2.46 -26.38
CA PRO C 80 -18.54 -2.74 -25.09
C PRO C 80 -19.48 -2.81 -23.89
N ARG C 81 -20.67 -2.22 -23.99
CA ARG C 81 -21.61 -2.28 -22.89
C ARG C 81 -22.05 -3.71 -22.57
N HIS C 82 -22.30 -4.53 -23.60
CA HIS C 82 -22.69 -5.91 -23.38
C HIS C 82 -21.60 -6.71 -22.67
N LEU C 83 -20.34 -6.44 -23.00
CA LEU C 83 -19.23 -7.09 -22.29
C LEU C 83 -19.28 -6.78 -20.80
N GLN C 84 -19.46 -5.50 -20.46
CA GLN C 84 -19.51 -5.11 -19.06
C GLN C 84 -20.70 -5.73 -18.35
N LEU C 85 -21.87 -5.75 -19.01
CA LEU C 85 -23.05 -6.36 -18.42
C LEU C 85 -22.82 -7.84 -18.13
N ALA C 86 -22.31 -8.58 -19.12
CA ALA C 86 -22.07 -10.00 -18.96
C ALA C 86 -21.03 -10.28 -17.87
N VAL C 87 -19.99 -9.47 -17.79
CA VAL C 87 -18.97 -9.66 -16.77
C VAL C 87 -19.50 -9.37 -15.38
N ARG C 88 -20.23 -8.26 -15.21
CA ARG C 88 -20.70 -7.87 -13.88
C ARG C 88 -21.89 -8.70 -13.41
N ASN C 89 -22.58 -9.38 -14.30
CA ASN C 89 -23.73 -10.18 -13.88
C ASN C 89 -23.36 -11.59 -13.42
N ASP C 90 -22.10 -12.01 -13.58
CA ASP C 90 -21.68 -13.36 -13.26
C ASP C 90 -20.64 -13.32 -12.14
N GLU C 91 -20.82 -14.15 -11.13
CA GLU C 91 -19.99 -14.12 -9.92
C GLU C 91 -18.54 -14.48 -10.18
N GLU C 92 -18.30 -15.62 -10.82
CA GLU C 92 -16.92 -16.07 -11.05
C GLU C 92 -16.17 -15.11 -11.96
N LEU C 93 -16.83 -14.67 -13.03
CA LEU C 93 -16.18 -13.73 -13.95
C LEU C 93 -15.92 -12.39 -13.27
N ASN C 94 -16.86 -11.92 -12.46
CA ASN C 94 -16.67 -10.69 -11.72
C ASN C 94 -15.50 -10.80 -10.73
N LYS C 95 -15.37 -11.92 -10.04
CA LYS C 95 -14.25 -12.13 -9.14
C LYS C 95 -12.92 -12.21 -9.88
N LEU C 96 -12.88 -12.90 -11.02
CA LEU C 96 -11.64 -12.97 -11.79
C LEU C 96 -11.23 -11.60 -12.31
N LEU C 97 -12.17 -10.87 -12.89
CA LEU C 97 -11.92 -9.51 -13.40
C LEU C 97 -12.28 -8.47 -12.34
N GLY C 98 -11.65 -8.58 -11.16
CA GLY C 98 -11.99 -7.71 -10.05
C GLY C 98 -11.58 -6.27 -10.23
N ARG C 99 -10.28 -6.01 -10.22
CA ARG C 99 -9.74 -4.65 -10.29
C ARG C 99 -9.34 -4.34 -11.74
N VAL C 100 -10.33 -4.32 -12.62
CA VAL C 100 -10.12 -3.96 -14.02
C VAL C 100 -11.33 -3.17 -14.50
N THR C 101 -11.08 -2.13 -15.29
CA THR C 101 -12.13 -1.27 -15.81
C THR C 101 -12.20 -1.37 -17.32
N ILE C 102 -13.42 -1.37 -17.85
CA ILE C 102 -13.66 -1.47 -19.29
C ILE C 102 -14.07 -0.10 -19.80
N ALA C 103 -13.38 0.37 -20.84
CA ALA C 103 -13.67 1.68 -21.40
C ALA C 103 -15.06 1.70 -22.04
N GLN C 104 -15.78 2.80 -21.80
CA GLN C 104 -17.16 2.96 -22.28
C GLN C 104 -18.05 1.84 -21.78
N GLY C 105 -17.74 1.32 -20.60
CA GLY C 105 -18.49 0.22 -20.03
C GLY C 105 -19.83 0.65 -19.46
N GLY C 106 -19.80 1.50 -18.43
CA GLY C 106 -21.01 1.96 -17.80
C GLY C 106 -21.11 1.57 -16.34
N VAL C 107 -22.30 1.16 -15.91
CA VAL C 107 -22.51 0.75 -14.53
C VAL C 107 -23.77 -0.11 -14.48
N LEU C 108 -23.84 -1.00 -13.50
CA LEU C 108 -24.98 -1.89 -13.36
C LEU C 108 -26.12 -1.17 -12.66
N PRO C 109 -27.33 -1.12 -13.24
CA PRO C 109 -28.42 -0.33 -12.64
C PRO C 109 -28.92 -0.89 -11.32
N ASN C 110 -28.84 -0.09 -10.27
CA ASN C 110 -29.40 -0.45 -8.97
C ASN C 110 -29.59 0.81 -8.14
N ILE C 111 -30.62 0.81 -7.29
CA ILE C 111 -30.92 1.93 -6.42
C ILE C 111 -31.15 1.39 -5.01
N GLN C 112 -30.64 2.11 -4.01
CA GLN C 112 -30.81 1.69 -2.63
C GLN C 112 -32.29 1.60 -2.27
N SER C 113 -32.64 0.56 -1.52
CA SER C 113 -34.05 0.30 -1.22
C SER C 113 -34.66 1.37 -0.32
N VAL C 114 -33.87 1.92 0.62
CA VAL C 114 -34.38 2.93 1.54
C VAL C 114 -34.69 4.25 0.86
N LEU C 115 -34.03 4.56 -0.27
CA LEU C 115 -34.21 5.85 -0.91
C LEU C 115 -35.56 6.01 -1.58
N LEU C 116 -36.19 4.92 -2.01
CA LEU C 116 -37.49 4.99 -2.67
C LEU C 116 -38.57 5.39 -1.68
N PRO C 117 -39.67 6.00 -2.15
CA PRO C 117 -40.77 6.37 -1.26
C PRO C 117 -41.61 5.17 -0.84
N THR D 29 6.09 -2.41 -41.70
CA THR D 29 6.11 -3.54 -40.78
C THR D 29 4.69 -4.03 -40.50
N ARG D 30 4.56 -4.95 -39.56
CA ARG D 30 3.27 -5.53 -39.21
C ARG D 30 3.17 -5.62 -37.68
N LYS D 31 2.04 -6.14 -37.21
CA LYS D 31 1.82 -6.35 -35.79
C LYS D 31 0.80 -7.47 -35.62
N GLU D 32 0.97 -8.28 -34.59
CA GLU D 32 0.16 -9.48 -34.45
C GLU D 32 -0.98 -9.26 -33.46
N SER D 33 -2.01 -10.09 -33.58
CA SER D 33 -3.18 -10.00 -32.73
C SER D 33 -3.92 -11.33 -32.76
N TYR D 34 -4.95 -11.44 -31.92
CA TYR D 34 -5.79 -12.62 -31.84
C TYR D 34 -7.13 -12.42 -32.54
N ALA D 35 -7.21 -11.47 -33.47
CA ALA D 35 -8.48 -11.07 -34.06
C ALA D 35 -9.14 -12.22 -34.81
N ILE D 36 -8.38 -12.86 -35.69
CA ILE D 36 -8.93 -13.93 -36.52
C ILE D 36 -9.39 -15.11 -35.68
N TYR D 37 -8.61 -15.46 -34.66
CA TYR D 37 -8.98 -16.59 -33.80
C TYR D 37 -10.22 -16.27 -32.96
N VAL D 38 -10.31 -15.05 -32.43
CA VAL D 38 -11.49 -14.69 -31.66
C VAL D 38 -12.73 -14.68 -32.54
N TYR D 39 -12.61 -14.18 -33.77
CA TYR D 39 -13.74 -14.22 -34.69
C TYR D 39 -14.14 -15.66 -35.01
N LYS D 40 -13.14 -16.52 -35.24
CA LYS D 40 -13.42 -17.92 -35.55
C LYS D 40 -14.16 -18.59 -34.40
N VAL D 41 -13.75 -18.32 -33.16
CA VAL D 41 -14.47 -18.84 -32.01
C VAL D 41 -15.87 -18.25 -31.92
N LEU D 42 -16.05 -16.95 -32.17
CA LEU D 42 -17.36 -16.32 -32.11
C LEU D 42 -18.34 -16.92 -33.10
N LYS D 43 -17.92 -17.21 -34.32
CA LYS D 43 -18.82 -17.83 -35.30
C LYS D 43 -19.13 -19.28 -34.98
N GLN D 44 -18.71 -19.79 -33.83
CA GLN D 44 -19.05 -21.14 -33.41
C GLN D 44 -20.17 -21.16 -32.37
N VAL D 45 -20.18 -20.21 -31.45
CA VAL D 45 -21.20 -20.16 -30.40
C VAL D 45 -22.46 -19.49 -30.92
N HIS D 46 -22.32 -18.32 -31.55
CA HIS D 46 -23.45 -17.60 -32.13
C HIS D 46 -23.20 -17.41 -33.62
N PRO D 47 -23.80 -18.22 -34.49
CA PRO D 47 -23.44 -18.20 -35.91
C PRO D 47 -24.01 -17.03 -36.69
N ASP D 48 -24.76 -16.11 -36.06
CA ASP D 48 -25.44 -15.06 -36.79
C ASP D 48 -25.20 -13.65 -36.25
N THR D 49 -24.24 -13.47 -35.34
CA THR D 49 -23.96 -12.17 -34.76
C THR D 49 -22.59 -11.68 -35.23
N GLY D 50 -22.30 -10.41 -34.91
CA GLY D 50 -21.03 -9.81 -35.24
C GLY D 50 -20.41 -9.14 -34.04
N ILE D 51 -19.34 -8.37 -34.25
CA ILE D 51 -18.66 -7.69 -33.16
C ILE D 51 -18.02 -6.40 -33.67
N SER D 52 -18.03 -5.36 -32.84
CA SER D 52 -17.51 -4.07 -33.26
C SER D 52 -16.01 -3.96 -33.00
N SER D 53 -15.39 -3.04 -33.72
CA SER D 53 -13.93 -2.87 -33.63
C SER D 53 -13.50 -2.42 -32.26
N LYS D 54 -14.33 -1.63 -31.56
CA LYS D 54 -13.98 -1.16 -30.24
C LYS D 54 -14.01 -2.26 -29.19
N ALA D 55 -14.99 -3.19 -29.28
CA ALA D 55 -14.98 -4.35 -28.40
C ALA D 55 -13.92 -5.37 -28.79
N MET D 56 -13.50 -5.35 -30.04
CA MET D 56 -12.46 -6.26 -30.48
C MET D 56 -11.15 -6.00 -29.74
N SER D 57 -10.82 -4.71 -29.55
CA SER D 57 -9.60 -4.38 -28.81
C SER D 57 -9.69 -4.86 -27.36
N ILE D 58 -10.86 -4.75 -26.75
CA ILE D 58 -11.04 -5.23 -25.39
C ILE D 58 -10.84 -6.74 -25.32
N MET D 59 -11.42 -7.47 -26.26
CA MET D 59 -11.23 -8.92 -26.30
C MET D 59 -9.78 -9.29 -26.57
N ASN D 60 -9.06 -8.48 -27.34
CA ASN D 60 -7.64 -8.72 -27.60
C ASN D 60 -6.77 -8.44 -26.38
N SER D 61 -7.12 -7.45 -25.57
CA SER D 61 -6.38 -7.15 -24.33
C SER D 61 -6.64 -8.16 -23.22
N PHE D 62 -7.87 -8.67 -23.12
CA PHE D 62 -8.20 -9.64 -22.09
C PHE D 62 -7.38 -10.93 -22.21
N VAL D 63 -7.24 -11.46 -23.43
CA VAL D 63 -6.46 -12.67 -23.66
C VAL D 63 -4.97 -12.46 -23.48
N ASN D 64 -4.46 -11.24 -23.69
CA ASN D 64 -3.08 -10.93 -23.38
C ASN D 64 -2.82 -10.79 -21.89
N ASP D 65 -3.78 -10.27 -21.13
CA ASP D 65 -3.64 -10.20 -19.68
C ASP D 65 -3.72 -11.58 -19.01
N VAL D 66 -4.70 -12.40 -19.41
CA VAL D 66 -4.83 -13.72 -18.79
C VAL D 66 -3.62 -14.62 -19.08
N PHE D 67 -3.16 -14.67 -20.33
CA PHE D 67 -1.98 -15.43 -20.67
C PHE D 67 -0.73 -14.92 -19.97
N GLU D 68 -0.59 -13.60 -19.83
CA GLU D 68 0.53 -13.03 -19.10
C GLU D 68 0.55 -13.42 -17.63
N ARG D 69 -0.60 -13.39 -16.94
CA ARG D 69 -0.56 -13.71 -15.53
C ARG D 69 -0.77 -15.19 -15.21
N ILE D 70 -1.06 -16.03 -16.21
CA ILE D 70 -0.99 -17.46 -15.97
C ILE D 70 0.43 -17.99 -16.13
N ALA D 71 1.15 -17.57 -17.17
CA ALA D 71 2.51 -18.03 -17.41
C ALA D 71 3.54 -17.34 -16.53
N GLY D 72 3.15 -16.32 -15.77
CA GLY D 72 4.06 -15.68 -14.84
C GLY D 72 4.11 -16.39 -13.52
N GLU D 73 3.09 -17.20 -13.24
CA GLU D 73 3.03 -18.01 -12.03
C GLU D 73 3.78 -19.32 -12.16
N ALA D 74 3.86 -19.89 -13.37
CA ALA D 74 4.58 -21.13 -13.59
C ALA D 74 6.09 -20.96 -13.49
N SER D 75 6.64 -19.86 -14.02
CA SER D 75 8.08 -19.63 -13.92
C SER D 75 8.53 -19.50 -12.48
N ARG D 76 7.79 -18.75 -11.67
CA ARG D 76 8.08 -18.60 -10.25
C ARG D 76 7.86 -19.90 -9.47
N LEU D 77 6.84 -20.67 -9.82
CA LEU D 77 6.55 -21.92 -9.16
C LEU D 77 7.57 -23.02 -9.48
N ALA D 78 8.17 -22.99 -10.67
CA ALA D 78 9.26 -23.91 -10.99
C ALA D 78 10.58 -23.50 -10.37
N HIS D 79 10.74 -22.24 -9.98
CA HIS D 79 11.97 -21.80 -9.33
C HIS D 79 12.02 -22.29 -7.88
N TYR D 80 10.85 -22.47 -7.26
CA TYR D 80 10.80 -22.92 -5.87
C TYR D 80 11.36 -24.32 -5.72
N ASN D 81 11.18 -25.16 -6.74
CA ASN D 81 11.53 -26.58 -6.67
C ASN D 81 12.88 -26.88 -7.30
N LYS D 82 13.66 -25.85 -7.64
CA LYS D 82 14.98 -26.01 -8.25
C LYS D 82 14.89 -26.82 -9.54
N ARG D 83 13.95 -26.43 -10.39
CA ARG D 83 13.76 -27.03 -11.70
C ARG D 83 14.24 -26.08 -12.78
N SER D 84 14.15 -26.53 -14.04
CA SER D 84 14.56 -25.70 -15.17
C SER D 84 13.58 -25.70 -16.33
N THR D 85 12.61 -26.59 -16.37
CA THR D 85 11.65 -26.67 -17.46
C THR D 85 10.24 -26.46 -16.91
N ILE D 86 9.42 -25.73 -17.66
CA ILE D 86 8.00 -25.56 -17.33
C ILE D 86 7.22 -26.54 -18.21
N THR D 87 6.68 -27.58 -17.58
CA THR D 87 5.95 -28.62 -18.30
C THR D 87 4.45 -28.41 -18.09
N SER D 88 3.65 -29.34 -18.60
CA SER D 88 2.20 -29.25 -18.44
C SER D 88 1.77 -29.34 -16.98
N ARG D 89 2.53 -30.05 -16.15
CA ARG D 89 2.18 -30.16 -14.74
C ARG D 89 2.35 -28.85 -14.00
N GLU D 90 3.33 -28.03 -14.38
CA GLU D 90 3.48 -26.70 -13.79
C GLU D 90 2.36 -25.75 -14.18
N ILE D 91 1.69 -26.00 -15.30
CA ILE D 91 0.56 -25.16 -15.70
C ILE D 91 -0.76 -25.69 -15.13
N GLN D 92 -0.91 -27.00 -14.99
CA GLN D 92 -2.14 -27.55 -14.41
C GLN D 92 -2.35 -27.06 -12.98
N THR D 93 -1.27 -26.86 -12.23
CA THR D 93 -1.38 -26.33 -10.86
C THR D 93 -1.35 -24.81 -10.82
N ALA D 94 -0.77 -24.15 -11.82
CA ALA D 94 -0.83 -22.70 -11.91
C ALA D 94 -2.22 -22.19 -12.29
N VAL D 95 -2.99 -22.98 -13.04
CA VAL D 95 -4.38 -22.66 -13.30
C VAL D 95 -5.23 -22.77 -12.03
N ARG D 96 -4.96 -23.77 -11.19
CA ARG D 96 -5.73 -24.00 -9.97
C ARG D 96 -5.56 -22.90 -8.93
N LEU D 97 -4.48 -22.12 -9.00
CA LEU D 97 -4.20 -21.07 -8.03
C LEU D 97 -4.77 -19.71 -8.44
N LEU D 98 -5.30 -19.59 -9.66
CA LEU D 98 -5.81 -18.31 -10.14
C LEU D 98 -7.32 -18.36 -10.39
N LEU D 99 -7.79 -19.31 -11.19
CA LEU D 99 -9.21 -19.36 -11.52
C LEU D 99 -10.01 -19.78 -10.30
N PRO D 100 -11.08 -19.07 -9.95
CA PRO D 100 -11.83 -19.39 -8.73
C PRO D 100 -12.92 -20.43 -8.95
N GLY D 101 -12.94 -21.41 -8.06
CA GLY D 101 -14.04 -22.36 -7.96
C GLY D 101 -14.38 -23.14 -9.22
N GLU D 102 -15.61 -22.96 -9.69
CA GLU D 102 -16.17 -23.76 -10.77
C GLU D 102 -15.39 -23.63 -12.07
N LEU D 103 -14.81 -22.46 -12.32
CA LEU D 103 -14.10 -22.24 -13.58
C LEU D 103 -12.89 -23.15 -13.71
N ALA D 104 -12.15 -23.34 -12.62
CA ALA D 104 -10.96 -24.19 -12.67
C ALA D 104 -11.31 -25.65 -12.95
N LYS D 105 -12.41 -26.14 -12.36
CA LYS D 105 -12.79 -27.54 -12.56
C LYS D 105 -13.11 -27.85 -14.01
N HIS D 106 -13.54 -26.86 -14.79
CA HIS D 106 -13.76 -27.03 -16.22
C HIS D 106 -12.51 -26.77 -17.05
N ALA D 107 -11.74 -25.74 -16.70
CA ALA D 107 -10.52 -25.43 -17.44
C ALA D 107 -9.53 -26.58 -17.36
N VAL D 108 -9.36 -27.17 -16.19
CA VAL D 108 -8.41 -28.28 -16.03
C VAL D 108 -8.83 -29.47 -16.89
N SER D 109 -10.12 -29.81 -16.86
CA SER D 109 -10.60 -30.95 -17.64
C SER D 109 -10.44 -30.70 -19.14
N GLU D 110 -10.79 -29.50 -19.62
CA GLU D 110 -10.64 -29.23 -21.05
C GLU D 110 -9.19 -29.16 -21.49
N GLY D 111 -8.29 -28.64 -20.65
CA GLY D 111 -6.88 -28.68 -20.96
C GLY D 111 -6.31 -30.08 -20.99
N THR D 112 -6.69 -30.92 -20.03
CA THR D 112 -6.24 -32.30 -20.01
C THR D 112 -6.74 -33.10 -21.20
N LYS D 113 -8.01 -32.94 -21.59
CA LYS D 113 -8.57 -33.66 -22.71
C LYS D 113 -7.90 -33.32 -24.04
N ALA D 114 -7.30 -32.14 -24.15
CA ALA D 114 -6.62 -31.72 -25.38
C ALA D 114 -5.22 -32.33 -25.53
N VAL D 115 -4.49 -32.51 -24.44
CA VAL D 115 -3.15 -33.10 -24.54
C VAL D 115 -3.19 -34.56 -24.96
N THR D 116 -4.17 -35.32 -24.50
CA THR D 116 -4.30 -36.72 -24.87
C THR D 116 -4.48 -36.91 -26.36
N LYS D 117 -5.28 -36.06 -26.99
CA LYS D 117 -5.49 -36.15 -28.41
C LYS D 117 -4.19 -35.87 -29.15
N TYR D 118 -3.47 -34.84 -28.73
CA TYR D 118 -2.23 -34.45 -29.39
C TYR D 118 -1.18 -35.54 -29.27
N THR D 119 -1.06 -36.16 -28.10
CA THR D 119 -0.07 -37.20 -27.90
C THR D 119 -0.36 -38.42 -28.78
N SER D 120 -1.64 -38.79 -28.89
CA SER D 120 -2.00 -39.95 -29.69
C SER D 120 -1.63 -39.76 -31.15
N ALA D 121 -1.85 -38.57 -31.68
CA ALA D 121 -1.50 -38.27 -33.07
C ALA D 121 -0.16 -37.55 -33.15
N PRO E 38 -47.67 26.98 -12.84
CA PRO E 38 -47.09 26.75 -11.51
C PRO E 38 -47.08 25.27 -11.11
N HIS E 39 -47.09 24.39 -12.10
CA HIS E 39 -47.08 22.95 -11.84
C HIS E 39 -45.68 22.54 -11.41
N ARG E 40 -45.49 22.40 -10.10
CA ARG E 40 -44.18 22.04 -9.55
C ARG E 40 -44.16 20.55 -9.23
N TYR E 41 -43.03 20.07 -8.70
CA TYR E 41 -42.88 18.67 -8.34
C TYR E 41 -42.46 18.60 -6.89
N ARG E 42 -42.68 17.45 -6.26
CA ARG E 42 -42.22 17.25 -4.90
C ARG E 42 -40.70 17.28 -4.86
N PRO E 43 -40.09 17.73 -3.76
CA PRO E 43 -38.62 17.88 -3.74
C PRO E 43 -37.90 16.55 -3.68
N GLY E 44 -37.67 15.93 -4.83
CA GLY E 44 -36.91 14.70 -4.90
C GLY E 44 -37.36 13.74 -5.98
N THR E 45 -38.60 13.90 -6.45
CA THR E 45 -39.09 13.05 -7.53
C THR E 45 -38.36 13.28 -8.85
N VAL E 46 -37.84 14.49 -9.06
CA VAL E 46 -37.03 14.76 -10.26
C VAL E 46 -35.62 14.20 -10.11
N ALA E 47 -35.01 14.35 -8.94
CA ALA E 47 -33.69 13.77 -8.68
C ALA E 47 -33.71 12.26 -8.65
N LEU E 48 -34.86 11.64 -8.38
CA LEU E 48 -34.96 10.19 -8.42
C LEU E 48 -35.01 9.65 -9.84
N ARG E 49 -35.38 10.49 -10.82
CA ARG E 49 -35.40 10.10 -12.22
C ARG E 49 -34.04 10.25 -12.89
N GLU E 50 -33.24 11.23 -12.47
CA GLU E 50 -31.92 11.40 -13.05
C GLU E 50 -31.02 10.21 -12.79
N ILE E 51 -31.22 9.52 -11.67
CA ILE E 51 -30.45 8.30 -11.39
C ILE E 51 -30.73 7.25 -12.45
N ARG E 52 -32.01 7.02 -12.75
CA ARG E 52 -32.37 6.07 -13.80
C ARG E 52 -31.85 6.52 -15.16
N ARG E 53 -31.90 7.83 -15.43
CA ARG E 53 -31.40 8.33 -16.71
C ARG E 53 -29.91 8.09 -16.87
N TYR E 54 -29.13 8.37 -15.82
CA TYR E 54 -27.67 8.33 -15.95
C TYR E 54 -27.06 6.96 -15.63
N GLN E 55 -27.84 6.03 -15.09
CA GLN E 55 -27.33 4.68 -14.89
C GLN E 55 -27.58 3.78 -16.09
N LYS E 56 -28.12 4.32 -17.18
CA LYS E 56 -28.44 3.54 -18.37
C LYS E 56 -27.62 3.97 -19.58
N SER E 57 -27.03 5.15 -19.56
CA SER E 57 -26.23 5.66 -20.65
C SER E 57 -24.74 5.55 -20.31
N THR E 58 -23.92 5.41 -21.34
CA THR E 58 -22.47 5.27 -21.21
C THR E 58 -21.80 6.37 -22.01
N GLU E 59 -21.45 7.47 -21.35
CA GLU E 59 -20.78 8.57 -22.02
C GLU E 59 -20.05 9.41 -20.97
N LEU E 60 -19.10 10.19 -21.45
CA LEU E 60 -18.32 11.05 -20.56
C LEU E 60 -19.18 12.17 -20.00
N LEU E 61 -18.91 12.54 -18.76
CA LEU E 61 -19.72 13.53 -18.06
C LEU E 61 -19.02 14.85 -17.80
N ILE E 62 -17.72 14.96 -18.10
CA ILE E 62 -16.98 16.20 -17.90
C ILE E 62 -16.63 16.78 -19.27
N ARG E 63 -16.53 18.10 -19.33
CA ARG E 63 -16.28 18.79 -20.59
C ARG E 63 -14.84 18.62 -21.03
N LYS E 64 -14.65 18.30 -22.31
CA LYS E 64 -13.37 17.80 -22.80
C LYS E 64 -12.28 18.85 -22.72
N LEU E 65 -12.55 20.06 -23.23
CA LEU E 65 -11.55 21.12 -23.18
C LEU E 65 -11.20 21.53 -21.76
N PRO E 66 -12.15 21.79 -20.86
CA PRO E 66 -11.79 22.09 -19.47
C PRO E 66 -11.00 20.98 -18.80
N PHE E 67 -11.33 19.71 -19.08
CA PHE E 67 -10.54 18.64 -18.48
C PHE E 67 -9.14 18.56 -19.08
N GLN E 68 -9.01 18.77 -20.39
CA GLN E 68 -7.71 18.68 -21.04
C GLN E 68 -6.76 19.79 -20.61
N ARG E 69 -7.28 21.00 -20.37
CA ARG E 69 -6.41 22.06 -19.87
C ARG E 69 -5.85 21.74 -18.49
N LEU E 70 -6.62 21.05 -17.66
CA LEU E 70 -6.18 20.73 -16.30
C LEU E 70 -4.96 19.81 -16.31
N VAL E 71 -4.98 18.80 -17.19
CA VAL E 71 -3.84 17.88 -17.29
C VAL E 71 -2.58 18.62 -17.71
N ARG E 72 -2.70 19.51 -18.70
CA ARG E 72 -1.54 20.26 -19.16
C ARG E 72 -1.03 21.20 -18.07
N GLU E 73 -1.92 21.80 -17.29
CA GLU E 73 -1.46 22.60 -16.15
C GLU E 73 -0.73 21.77 -15.12
N ILE E 74 -1.24 20.59 -14.76
CA ILE E 74 -0.57 19.78 -13.75
C ILE E 74 0.78 19.29 -14.24
N ALA E 75 0.87 18.86 -15.50
CA ALA E 75 2.05 18.15 -16.00
C ALA E 75 3.14 19.11 -16.50
N GLN E 76 3.14 20.36 -16.06
CA GLN E 76 4.20 21.29 -16.44
C GLN E 76 5.14 21.60 -15.27
N ASP E 77 4.99 20.89 -14.16
CA ASP E 77 5.91 21.01 -13.03
C ASP E 77 6.97 19.92 -13.03
N PHE E 78 6.60 18.69 -13.41
CA PHE E 78 7.57 17.61 -13.48
C PHE E 78 8.58 17.85 -14.60
N LYS E 79 8.11 18.30 -15.76
CA LYS E 79 8.98 18.54 -16.91
C LYS E 79 8.27 19.52 -17.83
N THR E 80 8.96 20.60 -18.21
CA THR E 80 8.34 21.64 -19.01
C THR E 80 8.35 21.28 -20.49
N ASP E 81 7.60 22.07 -21.28
CA ASP E 81 7.44 21.92 -22.73
C ASP E 81 7.23 20.46 -23.16
N LEU E 82 6.16 19.85 -22.67
CA LEU E 82 5.82 18.46 -22.98
C LEU E 82 4.61 18.43 -23.92
N ARG E 83 4.46 17.31 -24.63
CA ARG E 83 3.39 17.14 -25.61
C ARG E 83 2.59 15.88 -25.29
N PHE E 84 1.33 15.87 -25.71
CA PHE E 84 0.42 14.77 -25.44
C PHE E 84 -0.25 14.28 -26.73
N GLN E 85 -0.53 12.99 -26.77
CA GLN E 85 -1.41 12.45 -27.80
C GLN E 85 -2.86 12.62 -27.37
N SER E 86 -3.76 12.57 -28.36
CA SER E 86 -5.18 12.63 -28.05
C SER E 86 -5.62 11.42 -27.24
N SER E 87 -5.13 10.24 -27.60
CA SER E 87 -5.45 9.02 -26.89
C SER E 87 -4.97 9.04 -25.45
N ALA E 88 -3.84 9.67 -25.17
CA ALA E 88 -3.37 9.77 -23.79
C ALA E 88 -4.35 10.55 -22.93
N VAL E 89 -4.82 11.70 -23.44
CA VAL E 89 -5.79 12.49 -22.71
C VAL E 89 -7.09 11.73 -22.54
N MET E 90 -7.55 11.06 -23.61
CA MET E 90 -8.79 10.30 -23.51
C MET E 90 -8.70 9.18 -22.49
N ALA E 91 -7.59 8.45 -22.49
CA ALA E 91 -7.39 7.38 -21.52
C ALA E 91 -7.24 7.90 -20.09
N LEU E 92 -6.61 9.06 -19.92
CA LEU E 92 -6.56 9.68 -18.59
C LEU E 92 -7.94 10.10 -18.11
N GLN E 93 -8.80 10.57 -19.00
CA GLN E 93 -10.16 10.94 -18.61
C GLN E 93 -11.03 9.72 -18.34
N GLU E 94 -10.85 8.63 -19.08
CA GLU E 94 -11.66 7.43 -18.91
C GLU E 94 -11.49 6.77 -17.55
N ALA E 95 -10.40 7.02 -16.84
CA ALA E 95 -10.15 6.39 -15.54
C ALA E 95 -10.65 7.23 -14.37
N SER E 96 -10.54 8.55 -14.45
CA SER E 96 -11.06 9.42 -13.40
C SER E 96 -12.57 9.29 -13.24
N GLU E 97 -13.30 9.13 -14.34
CA GLU E 97 -14.73 8.89 -14.26
C GLU E 97 -15.03 7.66 -13.41
N ALA E 98 -14.37 6.55 -13.71
CA ALA E 98 -14.59 5.31 -12.98
C ALA E 98 -14.21 5.46 -11.51
N TYR E 99 -13.08 6.11 -11.24
CA TYR E 99 -12.63 6.31 -9.87
C TYR E 99 -13.65 7.11 -9.07
N LEU E 100 -14.08 8.24 -9.60
CA LEU E 100 -15.03 9.09 -8.88
C LEU E 100 -16.38 8.41 -8.72
N VAL E 101 -16.84 7.71 -9.75
CA VAL E 101 -18.12 7.01 -9.64
C VAL E 101 -18.07 5.91 -8.59
N ALA E 102 -17.00 5.11 -8.59
CA ALA E 102 -16.85 4.07 -7.57
C ALA E 102 -16.65 4.63 -6.18
N LEU E 103 -16.07 5.83 -6.05
CA LEU E 103 -15.97 6.46 -4.74
C LEU E 103 -17.30 7.00 -4.25
N PHE E 104 -18.13 7.55 -5.13
CA PHE E 104 -19.44 8.06 -4.74
C PHE E 104 -20.43 6.95 -4.39
N GLU E 105 -20.17 5.72 -4.79
CA GLU E 105 -21.02 4.60 -4.39
C GLU E 105 -20.80 4.17 -2.95
N ASP E 106 -19.55 4.24 -2.47
CA ASP E 106 -19.24 3.78 -1.12
C ASP E 106 -19.50 4.85 -0.07
N THR E 107 -19.42 6.12 -0.42
CA THR E 107 -19.78 7.18 0.51
C THR E 107 -21.28 7.30 0.72
N ASN E 108 -22.07 6.67 -0.15
CA ASN E 108 -23.52 6.61 0.03
C ASN E 108 -23.94 5.54 1.02
N LEU E 109 -23.07 4.60 1.34
CA LEU E 109 -23.34 3.61 2.37
C LEU E 109 -23.07 4.11 3.77
N CYS E 110 -22.02 4.91 3.95
CA CYS E 110 -21.72 5.52 5.24
C CYS E 110 -22.78 6.52 5.67
N ALA E 111 -23.43 7.20 4.72
CA ALA E 111 -24.53 8.09 5.06
C ALA E 111 -25.77 7.32 5.47
N ILE E 112 -26.03 6.19 4.80
CA ILE E 112 -27.15 5.33 5.19
C ILE E 112 -26.90 4.74 6.57
N HIS E 113 -25.64 4.41 6.88
CA HIS E 113 -25.31 3.82 8.18
C HIS E 113 -25.66 4.76 9.32
N ALA E 114 -25.51 6.07 9.12
CA ALA E 114 -25.77 7.06 10.14
C ALA E 114 -27.17 7.63 10.09
N LYS E 115 -28.11 6.93 9.44
CA LYS E 115 -29.51 7.33 9.36
C LYS E 115 -29.66 8.72 8.74
N ARG E 116 -29.23 8.80 7.48
CA ARG E 116 -29.27 10.04 6.72
C ARG E 116 -29.54 9.70 5.26
N VAL E 117 -29.78 10.72 4.44
CA VAL E 117 -29.86 10.55 2.99
C VAL E 117 -28.90 11.54 2.34
N THR E 118 -28.56 12.60 3.07
CA THR E 118 -27.61 13.60 2.58
C THR E 118 -26.18 13.16 2.92
N ILE E 119 -25.28 13.34 1.98
CA ILE E 119 -23.87 12.97 2.12
C ILE E 119 -23.09 14.21 2.49
N MET E 120 -22.38 14.15 3.62
CA MET E 120 -21.59 15.27 4.11
C MET E 120 -20.10 15.00 3.88
N PRO E 121 -19.24 16.02 3.96
CA PRO E 121 -17.80 15.78 3.72
C PRO E 121 -17.15 14.80 4.69
N LYS E 122 -17.74 14.54 5.85
CA LYS E 122 -17.13 13.60 6.79
C LYS E 122 -17.35 12.14 6.38
N ASP E 123 -18.18 11.88 5.37
CA ASP E 123 -18.31 10.54 4.82
C ASP E 123 -17.23 10.19 3.80
N ILE E 124 -16.86 11.16 2.96
CA ILE E 124 -15.77 10.95 2.01
C ILE E 124 -14.46 10.66 2.71
N GLN E 125 -14.19 11.32 3.82
CA GLN E 125 -12.99 11.04 4.60
C GLN E 125 -12.98 9.64 5.20
N LEU E 126 -14.09 9.20 5.79
CA LEU E 126 -14.16 7.87 6.37
C LEU E 126 -14.07 6.76 5.33
N ALA E 127 -14.79 6.92 4.21
CA ALA E 127 -14.73 5.91 3.15
C ALA E 127 -13.34 5.81 2.55
N ARG E 128 -12.64 6.94 2.40
CA ARG E 128 -11.29 6.92 1.88
C ARG E 128 -10.27 6.41 2.89
N ARG E 129 -10.50 6.61 4.18
CA ARG E 129 -9.60 6.13 5.21
C ARG E 129 -9.74 4.64 5.49
N ILE E 130 -10.92 4.06 5.34
CA ILE E 130 -11.07 2.64 5.61
C ILE E 130 -10.41 1.76 4.58
N ARG E 131 -10.27 2.23 3.36
CA ARG E 131 -9.64 1.38 2.36
C ARG E 131 -8.17 1.71 2.18
N GLY E 132 -7.68 2.60 3.04
CA GLY E 132 -6.27 2.95 3.05
C GLY E 132 -5.69 3.86 2.01
N GLU E 133 -6.02 5.14 2.04
CA GLU E 133 -5.45 6.11 1.12
C GLU E 133 -5.59 7.54 1.64
N VAL F 21 2.05 30.28 -19.44
CA VAL F 21 1.52 29.25 -18.55
C VAL F 21 0.03 29.44 -18.33
N LEU F 22 -0.61 28.41 -17.78
CA LEU F 22 -2.05 28.42 -17.49
C LEU F 22 -2.24 28.10 -16.02
N ARG F 23 -3.18 28.81 -15.38
CA ARG F 23 -3.37 28.73 -13.94
C ARG F 23 -4.85 28.56 -13.61
N ASP F 24 -5.09 28.18 -12.35
CA ASP F 24 -6.42 28.03 -11.74
C ASP F 24 -7.44 27.38 -12.66
N ASN F 25 -7.05 26.34 -13.39
CA ASN F 25 -7.98 25.62 -14.24
C ASN F 25 -8.75 24.53 -13.50
N ILE F 26 -8.54 24.41 -12.18
CA ILE F 26 -9.30 23.47 -11.36
C ILE F 26 -10.77 23.83 -11.28
N GLN F 27 -11.14 25.07 -11.59
CA GLN F 27 -12.53 25.51 -11.56
C GLN F 27 -13.28 25.18 -12.85
N GLY F 28 -12.66 24.39 -13.74
CA GLY F 28 -13.34 23.91 -14.92
C GLY F 28 -14.26 22.74 -14.59
N ILE F 29 -14.01 22.08 -13.47
CA ILE F 29 -14.88 21.02 -12.97
C ILE F 29 -16.04 21.70 -12.24
N THR F 30 -17.15 21.86 -12.93
CA THR F 30 -18.25 22.68 -12.44
C THR F 30 -19.15 21.88 -11.51
N LYS F 31 -20.01 22.62 -10.80
CA LYS F 31 -20.99 21.99 -9.91
C LYS F 31 -21.93 21.03 -10.64
N PRO F 32 -22.54 21.39 -11.77
CA PRO F 32 -23.35 20.39 -12.50
C PRO F 32 -22.55 19.18 -12.94
N ALA F 33 -21.30 19.39 -13.35
CA ALA F 33 -20.47 18.26 -13.76
C ALA F 33 -20.20 17.31 -12.60
N ILE F 34 -19.90 17.85 -11.42
CA ILE F 34 -19.73 17.01 -10.25
C ILE F 34 -21.02 16.30 -9.86
N ARG F 35 -22.15 17.00 -9.89
CA ARG F 35 -23.43 16.41 -9.52
C ARG F 35 -23.88 15.32 -10.48
N ARG F 36 -23.57 15.43 -11.77
CA ARG F 36 -23.90 14.39 -12.73
C ARG F 36 -23.20 13.07 -12.42
N LEU F 37 -21.95 13.11 -11.95
CA LEU F 37 -21.27 11.90 -11.51
C LEU F 37 -21.93 11.29 -10.29
N ALA F 38 -22.35 12.11 -9.33
CA ALA F 38 -23.02 11.60 -8.14
C ALA F 38 -24.35 10.97 -8.48
N ARG F 39 -25.05 11.52 -9.48
CA ARG F 39 -26.30 10.91 -9.92
C ARG F 39 -26.08 9.50 -10.44
N ARG F 40 -25.03 9.31 -11.25
CA ARG F 40 -24.68 7.97 -11.71
C ARG F 40 -24.23 7.08 -10.56
N GLY F 41 -23.54 7.64 -9.57
CA GLY F 41 -23.15 6.89 -8.40
C GLY F 41 -24.34 6.33 -7.65
N GLY F 42 -25.38 7.15 -7.47
CA GLY F 42 -26.62 6.67 -6.89
C GLY F 42 -27.19 7.52 -5.77
N VAL F 43 -26.46 8.57 -5.36
CA VAL F 43 -26.93 9.38 -4.24
C VAL F 43 -28.16 10.17 -4.66
N LYS F 44 -28.90 10.67 -3.67
CA LYS F 44 -30.12 11.42 -3.90
C LYS F 44 -30.04 12.87 -3.47
N ARG F 45 -29.47 13.14 -2.29
CA ARG F 45 -29.31 14.49 -1.79
C ARG F 45 -27.83 14.77 -1.54
N ILE F 46 -27.39 15.98 -1.89
CA ILE F 46 -25.99 16.37 -1.82
C ILE F 46 -25.86 17.60 -0.95
N SER F 47 -24.91 17.56 -0.02
CA SER F 47 -24.68 18.69 0.87
C SER F 47 -23.92 19.81 0.15
N GLY F 48 -23.91 20.99 0.77
CA GLY F 48 -23.31 22.14 0.15
C GLY F 48 -21.80 22.05 0.03
N LEU F 49 -21.14 21.50 1.04
CA LEU F 49 -19.68 21.53 1.15
C LEU F 49 -19.02 20.32 0.50
N ILE F 50 -19.68 19.70 -0.47
CA ILE F 50 -19.15 18.51 -1.14
C ILE F 50 -18.26 18.86 -2.33
N TYR F 51 -18.56 19.95 -3.04
CA TYR F 51 -17.85 20.26 -4.28
C TYR F 51 -16.38 20.59 -4.01
N GLU F 52 -16.11 21.42 -3.01
CA GLU F 52 -14.73 21.76 -2.67
C GLU F 52 -13.97 20.54 -2.19
N GLU F 53 -14.62 19.69 -1.39
CA GLU F 53 -13.96 18.47 -0.93
C GLU F 53 -13.63 17.54 -2.08
N THR F 54 -14.54 17.39 -3.04
CA THR F 54 -14.34 16.52 -4.20
C THR F 54 -13.29 17.05 -5.16
N ARG F 55 -13.22 18.37 -5.36
CA ARG F 55 -12.19 18.94 -6.22
C ARG F 55 -10.78 18.71 -5.69
N GLY F 56 -10.62 18.50 -4.39
CA GLY F 56 -9.33 18.17 -3.80
C GLY F 56 -8.96 16.72 -3.86
N VAL F 57 -9.91 15.85 -4.19
CA VAL F 57 -9.63 14.42 -4.33
C VAL F 57 -9.23 14.05 -5.74
N LEU F 58 -9.81 14.69 -6.75
CA LEU F 58 -9.42 14.47 -8.14
C LEU F 58 -8.05 15.06 -8.47
N LYS F 59 -7.67 16.16 -7.82
CA LYS F 59 -6.37 16.78 -8.05
C LYS F 59 -5.22 15.97 -7.45
N VAL F 60 -5.51 15.04 -6.55
CA VAL F 60 -4.49 14.15 -6.01
C VAL F 60 -4.37 12.85 -6.79
N PHE F 61 -5.47 12.29 -7.28
CA PHE F 61 -5.43 11.11 -8.13
C PHE F 61 -4.73 11.36 -9.46
N LEU F 62 -4.69 12.59 -9.94
CA LEU F 62 -4.07 12.92 -11.22
C LEU F 62 -2.58 13.25 -11.11
N GLU F 63 -2.04 13.35 -9.91
CA GLU F 63 -0.61 13.54 -9.77
C GLU F 63 0.14 12.21 -9.76
N ASN F 64 -0.39 11.23 -9.03
CA ASN F 64 0.27 9.92 -8.95
C ASN F 64 0.34 9.25 -10.31
N VAL F 65 -0.74 9.33 -11.09
CA VAL F 65 -0.76 8.69 -12.40
C VAL F 65 0.18 9.40 -13.37
N ILE F 66 0.16 10.73 -13.39
CA ILE F 66 0.98 11.49 -14.34
C ILE F 66 2.47 11.46 -14.00
N ARG F 67 2.84 11.46 -12.72
CA ARG F 67 4.25 11.42 -12.36
C ARG F 67 4.93 10.13 -12.78
N ASP F 68 4.17 9.04 -13.00
CA ASP F 68 4.72 7.81 -13.54
C ASP F 68 4.76 7.80 -15.06
N ALA F 69 3.75 8.37 -15.72
CA ALA F 69 3.78 8.48 -17.18
C ALA F 69 4.95 9.35 -17.63
N VAL F 70 5.19 10.46 -16.92
CA VAL F 70 6.34 11.30 -17.26
C VAL F 70 7.66 10.58 -17.01
N THR F 71 7.76 9.77 -15.95
CA THR F 71 8.96 8.98 -15.73
C THR F 71 9.18 7.98 -16.85
N TYR F 72 8.11 7.31 -17.30
CA TYR F 72 8.21 6.39 -18.43
C TYR F 72 8.62 7.09 -19.72
N THR F 73 8.07 8.28 -19.98
CA THR F 73 8.24 8.92 -21.27
C THR F 73 9.59 9.63 -21.42
N GLU F 74 10.39 9.71 -20.36
CA GLU F 74 11.72 10.29 -20.47
C GLU F 74 12.84 9.28 -20.33
N HIS F 75 12.56 8.07 -19.83
CA HIS F 75 13.52 6.99 -19.89
C HIS F 75 13.72 6.46 -21.30
N ALA F 76 12.74 6.67 -22.18
CA ALA F 76 12.82 6.27 -23.58
C ALA F 76 13.34 7.39 -24.47
N LYS F 77 13.79 8.50 -23.89
CA LYS F 77 14.37 9.64 -24.59
C LYS F 77 13.38 10.39 -25.46
N ARG F 78 12.07 10.17 -25.27
CA ARG F 78 11.06 10.88 -26.03
C ARG F 78 10.68 12.17 -25.31
N LYS F 79 9.92 13.02 -25.99
CA LYS F 79 9.40 14.23 -25.38
C LYS F 79 7.92 14.41 -25.75
N THR F 80 7.19 13.30 -25.81
CA THR F 80 5.74 13.33 -25.99
C THR F 80 5.11 12.12 -25.31
N VAL F 81 4.08 12.36 -24.49
CA VAL F 81 3.43 11.27 -23.79
C VAL F 81 2.56 10.49 -24.75
N THR F 82 2.72 9.18 -24.75
CA THR F 82 1.93 8.30 -25.61
C THR F 82 0.75 7.73 -24.83
N ALA F 83 -0.03 6.87 -25.49
CA ALA F 83 -1.17 6.22 -24.86
C ALA F 83 -0.79 4.93 -24.15
N MET F 84 0.45 4.46 -24.31
CA MET F 84 0.92 3.27 -23.62
C MET F 84 1.53 3.58 -22.25
N ASP F 85 2.16 4.74 -22.10
CA ASP F 85 2.68 5.14 -20.80
C ASP F 85 1.58 5.28 -19.75
N VAL F 86 0.44 5.86 -20.15
CA VAL F 86 -0.69 5.95 -19.23
C VAL F 86 -1.21 4.58 -18.83
N VAL F 87 -1.32 3.64 -19.78
CA VAL F 87 -1.77 2.30 -19.46
C VAL F 87 -0.79 1.62 -18.50
N TYR F 88 0.52 1.75 -18.74
CA TYR F 88 1.50 1.16 -17.85
C TYR F 88 1.42 1.76 -16.45
N ALA F 89 1.27 3.10 -16.36
CA ALA F 89 1.16 3.75 -15.07
C ALA F 89 -0.09 3.29 -14.32
N LEU F 90 -1.21 3.16 -15.02
CA LEU F 90 -2.43 2.67 -14.39
C LEU F 90 -2.31 1.22 -13.96
N LYS F 91 -1.62 0.39 -14.73
CA LYS F 91 -1.36 -1.00 -14.35
C LYS F 91 -0.45 -1.13 -13.14
N ARG F 92 0.52 -0.22 -12.98
CA ARG F 92 1.44 -0.29 -11.86
C ARG F 92 0.76 -0.02 -10.51
N GLN F 93 -0.47 0.49 -10.51
CA GLN F 93 -1.16 0.83 -9.27
C GLN F 93 -2.38 -0.07 -9.05
N GLY F 94 -2.42 -1.20 -9.74
CA GLY F 94 -3.54 -2.12 -9.61
C GLY F 94 -4.84 -1.55 -10.14
N ARG F 95 -4.76 -0.84 -11.27
CA ARG F 95 -5.95 -0.26 -11.89
C ARG F 95 -5.94 -0.53 -13.39
N THR F 96 -5.72 -1.79 -13.79
CA THR F 96 -5.60 -2.12 -15.20
C THR F 96 -6.82 -1.67 -15.99
N LEU F 97 -6.58 -1.17 -17.21
CA LEU F 97 -7.63 -0.60 -18.05
C LEU F 97 -7.60 -1.29 -19.40
N TYR F 98 -8.75 -1.83 -19.82
CA TYR F 98 -8.88 -2.50 -21.10
C TYR F 98 -9.47 -1.54 -22.13
N GLY F 99 -8.97 -1.62 -23.36
CA GLY F 99 -9.59 -0.90 -24.46
C GLY F 99 -8.70 0.04 -25.24
N PHE F 100 -7.55 0.41 -24.68
CA PHE F 100 -6.66 1.37 -25.31
C PHE F 100 -5.37 0.75 -25.84
N GLY F 101 -5.31 -0.58 -25.95
CA GLY F 101 -4.13 -1.23 -26.48
C GLY F 101 -3.24 -1.81 -25.41
N GLY F 102 -3.84 -2.33 -24.34
CA GLY F 102 -3.10 -2.91 -23.24
C GLY F 102 -2.97 -4.41 -23.35
N ALA G 14 45.28 -8.60 -4.63
CA ALA G 14 44.05 -8.49 -5.41
C ALA G 14 42.91 -7.98 -4.54
N LYS G 15 42.40 -6.79 -4.87
CA LYS G 15 41.31 -6.20 -4.13
C LYS G 15 39.97 -6.82 -4.53
N THR G 16 38.94 -6.52 -3.76
CA THR G 16 37.57 -6.92 -4.07
C THR G 16 36.82 -5.73 -4.66
N ARG G 17 35.78 -6.05 -5.45
CA ARG G 17 35.04 -5.01 -6.14
C ARG G 17 34.31 -4.12 -5.15
N SER G 18 33.78 -4.70 -4.07
CA SER G 18 33.13 -3.91 -3.03
C SER G 18 34.09 -2.91 -2.40
N SER G 19 35.32 -3.37 -2.10
CA SER G 19 36.32 -2.47 -1.54
C SER G 19 36.72 -1.40 -2.55
N ARG G 20 36.80 -1.76 -3.83
CA ARG G 20 37.17 -0.79 -4.86
C ARG G 20 36.09 0.27 -5.00
N ALA G 21 34.82 -0.11 -4.81
CA ALA G 21 33.70 0.81 -4.88
C ALA G 21 33.39 1.48 -3.55
N GLY G 22 34.11 1.12 -2.49
CA GLY G 22 33.90 1.73 -1.19
C GLY G 22 32.56 1.46 -0.57
N LEU G 23 32.14 0.18 -0.58
CA LEU G 23 30.86 -0.20 0.00
C LEU G 23 31.04 -1.15 1.17
N GLN G 24 29.93 -1.69 1.68
CA GLN G 24 29.95 -2.66 2.76
C GLN G 24 29.30 -3.97 2.30
N PHE G 25 28.34 -3.86 1.40
CA PHE G 25 27.62 -5.02 0.88
C PHE G 25 28.44 -5.70 -0.21
N PRO G 26 28.20 -7.00 -0.47
CA PRO G 26 28.98 -7.69 -1.50
C PRO G 26 28.46 -7.42 -2.90
N VAL G 27 29.36 -7.08 -3.81
CA VAL G 27 28.94 -6.78 -5.18
C VAL G 27 28.95 -8.05 -6.03
N GLY G 28 29.90 -8.95 -5.81
CA GLY G 28 29.98 -10.15 -6.62
C GLY G 28 28.78 -11.06 -6.45
N ARG G 29 28.32 -11.22 -5.21
CA ARG G 29 27.13 -12.04 -4.97
C ARG G 29 25.91 -11.45 -5.64
N VAL G 30 25.75 -10.13 -5.59
CA VAL G 30 24.62 -9.48 -6.27
C VAL G 30 24.73 -9.68 -7.78
N HIS G 31 25.94 -9.56 -8.32
CA HIS G 31 26.14 -9.75 -9.75
C HIS G 31 25.76 -11.17 -10.17
N ARG G 32 26.16 -12.16 -9.38
CA ARG G 32 25.78 -13.54 -9.67
C ARG G 32 24.28 -13.78 -9.52
N LEU G 33 23.65 -13.19 -8.50
CA LEU G 33 22.21 -13.35 -8.30
C LEU G 33 21.41 -12.74 -9.43
N LEU G 34 21.84 -11.59 -9.95
CA LEU G 34 21.16 -11.01 -11.10
C LEU G 34 21.26 -11.91 -12.31
N ARG G 35 22.43 -12.51 -12.54
CA ARG G 35 22.62 -13.36 -13.70
C ARG G 35 21.79 -14.64 -13.60
N LYS G 36 21.83 -15.31 -12.46
CA LYS G 36 21.13 -16.58 -12.30
C LYS G 36 19.70 -16.40 -11.78
N GLY G 37 18.92 -15.57 -12.47
CA GLY G 37 17.57 -15.27 -12.02
C GLY G 37 16.58 -15.10 -13.15
N ASN G 38 17.06 -15.22 -14.38
CA ASN G 38 16.25 -15.05 -15.58
C ASN G 38 15.52 -13.70 -15.57
N TYR G 39 16.32 -12.64 -15.46
CA TYR G 39 15.83 -11.28 -15.54
C TYR G 39 16.06 -10.65 -16.91
N ALA G 40 17.22 -10.90 -17.52
CA ALA G 40 17.51 -10.44 -18.87
C ALA G 40 18.64 -11.30 -19.42
N GLU G 41 18.83 -11.23 -20.73
CA GLU G 41 19.87 -12.01 -21.37
C GLU G 41 21.27 -11.55 -20.96
N ARG G 42 21.48 -10.25 -20.82
CA ARG G 42 22.79 -9.72 -20.46
C ARG G 42 22.65 -8.72 -19.33
N VAL G 43 23.71 -8.59 -18.54
CA VAL G 43 23.73 -7.70 -17.38
C VAL G 43 24.91 -6.74 -17.54
N GLY G 44 24.65 -5.45 -17.36
CA GLY G 44 25.69 -4.46 -17.53
C GLY G 44 26.77 -4.55 -16.48
N ALA G 45 27.85 -3.80 -16.72
CA ALA G 45 29.00 -3.85 -15.83
C ALA G 45 28.68 -3.20 -14.48
N GLY G 46 28.26 -1.94 -14.51
CA GLY G 46 28.09 -1.17 -13.30
C GLY G 46 26.68 -1.19 -12.74
N ALA G 47 25.91 -2.23 -13.03
CA ALA G 47 24.57 -2.37 -12.47
C ALA G 47 24.62 -2.89 -11.04
N PRO G 48 25.39 -3.95 -10.72
CA PRO G 48 25.48 -4.38 -9.32
C PRO G 48 26.07 -3.31 -8.39
N VAL G 49 27.03 -2.52 -8.85
CA VAL G 49 27.61 -1.48 -7.99
C VAL G 49 26.64 -0.34 -7.74
N TYR G 50 25.59 -0.21 -8.55
CA TYR G 50 24.50 0.73 -8.27
C TYR G 50 23.42 0.11 -7.40
N LEU G 51 23.10 -1.16 -7.61
CA LEU G 51 22.06 -1.83 -6.85
C LEU G 51 22.49 -2.15 -5.43
N ALA G 52 23.77 -2.42 -5.19
CA ALA G 52 24.28 -2.71 -3.85
C ALA G 52 24.44 -1.47 -2.99
N ALA G 53 24.60 -0.29 -3.59
CA ALA G 53 24.66 0.95 -2.83
C ALA G 53 23.29 1.42 -2.37
N VAL G 54 22.22 0.90 -2.98
CA VAL G 54 20.86 1.22 -2.54
C VAL G 54 20.38 0.29 -1.43
N LEU G 55 20.69 -1.00 -1.51
CA LEU G 55 20.30 -1.94 -0.47
C LEU G 55 20.94 -1.62 0.88
N GLU G 56 22.09 -0.96 0.89
CA GLU G 56 22.77 -0.62 2.13
C GLU G 56 22.24 0.64 2.79
N TYR G 57 21.88 1.66 2.00
CA TYR G 57 21.32 2.88 2.57
C TYR G 57 19.99 2.62 3.27
N LEU G 58 19.12 1.82 2.65
CA LEU G 58 17.83 1.48 3.25
C LEU G 58 18.01 0.69 4.54
N THR G 59 18.97 -0.23 4.59
CA THR G 59 19.28 -0.95 5.83
C THR G 59 19.84 -0.03 6.90
N ALA G 60 20.75 0.87 6.55
CA ALA G 60 21.32 1.79 7.53
C ALA G 60 20.30 2.77 8.07
N GLU G 61 19.28 3.12 7.28
CA GLU G 61 18.22 3.99 7.76
C GLU G 61 17.42 3.33 8.88
N ILE G 62 16.95 2.11 8.63
CA ILE G 62 16.11 1.42 9.62
C ILE G 62 16.93 1.01 10.84
N LEU G 63 18.17 0.55 10.63
CA LEU G 63 18.99 0.19 11.78
C LEU G 63 19.39 1.40 12.62
N GLU G 64 19.33 2.61 12.06
CA GLU G 64 19.52 3.82 12.84
C GLU G 64 18.25 4.29 13.53
N LEU G 65 17.09 4.15 12.89
CA LEU G 65 15.84 4.49 13.54
C LEU G 65 15.43 3.52 14.64
N ALA G 66 15.90 2.27 14.58
CA ALA G 66 15.57 1.29 15.61
C ALA G 66 16.45 1.40 16.85
N GLY G 67 17.67 1.93 16.71
CA GLY G 67 18.55 2.06 17.86
C GLY G 67 18.07 3.08 18.87
N ASN G 68 17.31 4.07 18.42
CA ASN G 68 16.73 5.03 19.36
C ASN G 68 15.62 4.39 20.18
N ALA G 69 14.79 3.56 19.55
CA ALA G 69 13.76 2.84 20.28
C ALA G 69 14.39 1.84 21.24
N ALA G 70 15.46 1.17 20.80
CA ALA G 70 16.16 0.22 21.67
C ALA G 70 16.83 0.87 22.84
N ARG G 71 16.97 2.20 22.83
CA ARG G 71 17.57 2.94 23.93
C ARG G 71 16.54 3.62 24.82
N ASP G 72 15.43 4.09 24.26
CA ASP G 72 14.37 4.71 25.05
C ASP G 72 13.72 3.73 26.03
N ASN G 73 13.91 2.43 25.82
CA ASN G 73 13.42 1.42 26.75
C ASN G 73 14.54 0.86 27.64
N LYS G 74 15.67 1.55 27.70
CA LYS G 74 16.80 1.19 28.56
C LYS G 74 17.29 -0.24 28.27
N LYS G 75 17.37 -0.57 26.98
CA LYS G 75 17.89 -1.84 26.51
C LYS G 75 19.18 -1.61 25.73
N THR G 76 19.88 -2.70 25.42
CA THR G 76 21.09 -2.60 24.61
C THR G 76 21.17 -3.73 23.59
N ARG G 77 20.01 -4.27 23.19
CA ARG G 77 19.97 -5.34 22.20
C ARG G 77 18.63 -5.23 21.49
N ILE G 78 18.67 -5.00 20.17
CA ILE G 78 17.46 -4.78 19.39
C ILE G 78 16.65 -6.05 19.33
N ILE G 79 15.32 -5.92 19.50
CA ILE G 79 14.40 -7.04 19.41
C ILE G 79 13.30 -6.64 18.42
N PRO G 80 12.50 -7.60 17.91
CA PRO G 80 11.52 -7.23 16.87
C PRO G 80 10.54 -6.15 17.26
N ARG G 81 10.24 -6.00 18.56
CA ARG G 81 9.36 -4.93 18.99
C ARG G 81 9.93 -3.57 18.67
N HIS G 82 11.24 -3.38 18.82
CA HIS G 82 11.88 -2.13 18.48
C HIS G 82 11.88 -1.84 16.98
N LEU G 83 11.96 -2.88 16.14
CA LEU G 83 11.78 -2.70 14.70
C LEU G 83 10.35 -2.39 14.33
N GLN G 84 9.38 -2.90 15.09
CA GLN G 84 7.97 -2.56 14.85
C GLN G 84 7.70 -1.08 15.04
N LEU G 85 8.27 -0.46 16.07
CA LEU G 85 8.05 0.97 16.33
C LEU G 85 8.87 1.88 15.44
N ALA G 86 9.77 1.35 14.64
CA ALA G 86 10.61 2.19 13.78
C ALA G 86 9.96 2.45 12.43
N VAL G 87 9.20 1.50 11.91
CA VAL G 87 8.64 1.61 10.56
C VAL G 87 7.19 2.07 10.62
N ARG G 88 6.68 2.36 11.81
CA ARG G 88 5.32 2.85 11.97
C ARG G 88 5.23 4.29 12.44
N ASN G 89 6.34 4.90 12.85
CA ASN G 89 6.34 6.27 13.33
C ASN G 89 6.90 7.25 12.31
N ASP G 90 7.08 6.80 11.08
CA ASP G 90 7.60 7.66 10.02
C ASP G 90 6.86 7.34 8.71
N GLU G 91 6.35 8.37 8.05
CA GLU G 91 5.52 8.19 6.86
C GLU G 91 6.27 7.53 5.72
N GLU G 92 7.52 7.93 5.52
CA GLU G 92 8.29 7.43 4.38
C GLU G 92 8.43 5.91 4.42
N LEU G 93 8.86 5.38 5.56
CA LEU G 93 9.01 3.93 5.68
C LEU G 93 7.67 3.22 5.86
N ASN G 94 6.71 3.85 6.55
CA ASN G 94 5.41 3.22 6.73
C ASN G 94 4.66 3.04 5.42
N LYS G 95 4.83 3.96 4.47
CA LYS G 95 4.21 3.83 3.16
C LYS G 95 4.90 2.80 2.28
N LEU G 96 6.18 2.54 2.51
CA LEU G 96 6.88 1.49 1.78
C LEU G 96 6.56 0.10 2.31
N LEU G 97 6.56 -0.08 3.64
CA LEU G 97 6.14 -1.34 4.23
C LEU G 97 4.68 -1.28 4.63
N GLY G 98 3.80 -1.02 3.68
CA GLY G 98 2.39 -0.80 4.01
C GLY G 98 1.60 -2.08 4.17
N ARG G 99 2.06 -3.17 3.58
CA ARG G 99 1.34 -4.44 3.67
C ARG G 99 2.25 -5.54 4.20
N VAL G 100 2.99 -5.24 5.26
CA VAL G 100 3.94 -6.18 5.86
C VAL G 100 3.56 -6.38 7.31
N THR G 101 3.50 -7.63 7.75
CA THR G 101 3.22 -7.98 9.14
C THR G 101 4.48 -8.55 9.76
N ILE G 102 5.09 -7.78 10.66
CA ILE G 102 6.29 -8.23 11.35
C ILE G 102 5.89 -9.12 12.51
N ALA G 103 6.47 -10.33 12.56
CA ALA G 103 6.17 -11.27 13.63
C ALA G 103 6.65 -10.72 14.98
N GLN G 104 5.86 -11.00 16.02
CA GLN G 104 6.15 -10.55 17.38
C GLN G 104 6.32 -9.03 17.44
N GLY G 105 5.46 -8.33 16.70
CA GLY G 105 5.57 -6.88 16.61
C GLY G 105 4.69 -6.13 17.57
N GLY G 106 3.41 -6.48 17.62
CA GLY G 106 2.45 -5.75 18.43
C GLY G 106 1.78 -4.65 17.63
N VAL G 107 1.24 -3.68 18.38
CA VAL G 107 0.55 -2.54 17.76
C VAL G 107 1.12 -1.24 18.30
N LEU G 108 0.57 -0.12 17.84
CA LEU G 108 1.02 1.20 18.24
C LEU G 108 0.03 1.79 19.23
N PRO G 109 0.46 2.23 20.42
CA PRO G 109 -0.49 2.75 21.41
C PRO G 109 -1.30 3.93 20.91
N ASN G 110 -2.62 3.78 20.87
CA ASN G 110 -3.50 4.81 20.37
C ASN G 110 -4.91 4.56 20.88
N ILE G 111 -5.53 5.59 21.44
CA ILE G 111 -6.88 5.52 21.99
C ILE G 111 -7.70 6.65 21.39
N GLN G 112 -8.91 6.33 20.93
CA GLN G 112 -9.79 7.35 20.37
C GLN G 112 -10.15 8.38 21.44
N SER G 113 -10.20 9.65 21.04
CA SER G 113 -10.42 10.74 21.98
C SER G 113 -11.82 10.77 22.57
N VAL G 114 -12.80 10.13 21.92
CA VAL G 114 -14.17 10.11 22.44
C VAL G 114 -14.32 9.12 23.59
N LEU G 115 -13.43 8.15 23.73
CA LEU G 115 -13.58 7.10 24.73
C LEU G 115 -13.14 7.54 26.11
N LEU G 116 -12.25 8.54 26.20
CA LEU G 116 -11.69 8.94 27.47
C LEU G 116 -12.76 9.61 28.34
N PRO G 117 -12.63 9.52 29.66
CA PRO G 117 -13.59 10.18 30.55
C PRO G 117 -13.34 11.68 30.62
N LYS G 118 -14.36 12.39 31.12
CA LYS G 118 -14.29 13.83 31.26
C LYS G 118 -13.71 14.23 32.62
N THR H 29 24.68 -28.85 4.54
CA THR H 29 25.32 -28.12 3.45
C THR H 29 25.42 -26.63 3.77
N ARG H 30 25.74 -25.83 2.77
CA ARG H 30 25.93 -24.40 2.95
C ARG H 30 24.63 -23.64 2.73
N LYS H 31 24.49 -22.54 3.49
CA LYS H 31 23.37 -21.62 3.33
C LYS H 31 23.90 -20.20 3.48
N GLU H 32 23.41 -19.30 2.62
CA GLU H 32 23.95 -17.95 2.52
C GLU H 32 22.92 -16.93 2.96
N SER H 33 23.42 -15.87 3.59
CA SER H 33 22.56 -14.83 4.14
C SER H 33 23.37 -13.55 4.31
N TYR H 34 22.67 -12.43 4.54
CA TYR H 34 23.30 -11.14 4.75
C TYR H 34 23.53 -10.83 6.23
N ALA H 35 23.53 -11.86 7.08
CA ALA H 35 23.68 -11.64 8.51
C ALA H 35 25.05 -11.08 8.87
N ILE H 36 26.07 -11.39 8.08
CA ILE H 36 27.41 -10.89 8.36
C ILE H 36 27.59 -9.44 7.89
N TYR H 37 26.86 -9.01 6.86
CA TYR H 37 26.95 -7.66 6.35
C TYR H 37 26.07 -6.69 7.12
N VAL H 38 24.88 -7.14 7.53
CA VAL H 38 24.02 -6.31 8.36
C VAL H 38 24.71 -5.94 9.67
N TYR H 39 25.39 -6.90 10.30
CA TYR H 39 26.14 -6.62 11.52
C TYR H 39 27.27 -5.62 11.29
N LYS H 40 28.00 -5.73 10.19
CA LYS H 40 29.01 -4.74 9.85
C LYS H 40 28.43 -3.35 9.65
N VAL H 41 27.28 -3.25 8.98
CA VAL H 41 26.61 -1.96 8.85
C VAL H 41 26.16 -1.40 10.20
N LEU H 42 25.64 -2.26 11.08
CA LEU H 42 25.14 -1.81 12.37
C LEU H 42 26.21 -1.18 13.25
N LYS H 43 27.45 -1.66 13.20
CA LYS H 43 28.51 -1.16 14.05
C LYS H 43 29.14 0.13 13.55
N GLN H 44 28.65 0.68 12.44
CA GLN H 44 29.04 2.01 11.98
C GLN H 44 28.12 3.09 12.48
N VAL H 45 26.85 2.76 12.74
CA VAL H 45 25.90 3.76 13.23
C VAL H 45 25.84 3.76 14.74
N HIS H 46 25.69 2.58 15.34
CA HIS H 46 25.63 2.45 16.80
C HIS H 46 26.79 1.58 17.24
N PRO H 47 27.88 2.20 17.73
CA PRO H 47 29.11 1.44 18.03
C PRO H 47 28.92 0.31 19.01
N ASP H 48 28.07 0.48 20.02
CA ASP H 48 27.88 -0.52 21.07
C ASP H 48 26.39 -0.86 21.17
N THR H 49 25.94 -1.82 20.37
CA THR H 49 24.56 -2.25 20.39
C THR H 49 24.46 -3.59 19.68
N GLY H 50 23.85 -4.57 20.34
CA GLY H 50 23.68 -5.90 19.77
C GLY H 50 22.37 -6.03 19.01
N ILE H 51 22.09 -7.26 18.59
CA ILE H 51 20.87 -7.56 17.84
C ILE H 51 20.57 -9.04 18.01
N SER H 52 19.31 -9.35 18.27
CA SER H 52 18.89 -10.71 18.58
C SER H 52 18.66 -11.49 17.29
N SER H 53 18.48 -12.81 17.45
CA SER H 53 18.33 -13.71 16.31
C SER H 53 17.06 -13.43 15.51
N LYS H 54 15.94 -13.17 16.17
CA LYS H 54 14.71 -12.87 15.45
C LYS H 54 14.83 -11.57 14.66
N ALA H 55 15.42 -10.55 15.27
CA ALA H 55 15.63 -9.29 14.57
C ALA H 55 16.54 -9.48 13.37
N MET H 56 17.60 -10.28 13.52
CA MET H 56 18.46 -10.61 12.39
C MET H 56 17.72 -11.35 11.29
N SER H 57 16.86 -12.30 11.65
CA SER H 57 16.07 -13.04 10.68
C SER H 57 15.05 -12.17 9.96
N ILE H 58 14.58 -11.09 10.59
CA ILE H 58 13.66 -10.18 9.93
C ILE H 58 14.42 -9.25 8.99
N MET H 59 15.55 -8.71 9.48
CA MET H 59 16.38 -7.83 8.66
C MET H 59 16.95 -8.57 7.46
N ASN H 60 17.15 -9.88 7.58
CA ASN H 60 17.57 -10.69 6.46
C ASN H 60 16.50 -10.84 5.39
N SER H 61 15.25 -11.05 5.79
CA SER H 61 14.14 -11.25 4.86
C SER H 61 13.63 -9.95 4.26
N PHE H 62 13.94 -8.81 4.86
CA PHE H 62 13.56 -7.52 4.26
C PHE H 62 14.40 -7.16 3.05
N VAL H 63 15.71 -7.41 3.11
CA VAL H 63 16.60 -7.12 1.98
C VAL H 63 16.23 -7.94 0.75
N ASN H 64 15.93 -9.23 0.92
CA ASN H 64 15.53 -10.05 -0.22
C ASN H 64 14.25 -9.53 -0.85
N ASP H 65 13.29 -9.10 -0.02
CA ASP H 65 12.04 -8.57 -0.54
C ASP H 65 12.28 -7.31 -1.38
N VAL H 66 13.14 -6.41 -0.89
CA VAL H 66 13.43 -5.21 -1.68
C VAL H 66 14.18 -5.52 -2.97
N PHE H 67 15.16 -6.42 -2.89
CA PHE H 67 15.93 -6.83 -4.06
C PHE H 67 15.09 -7.48 -5.13
N GLU H 68 14.14 -8.34 -4.75
CA GLU H 68 13.27 -9.01 -5.70
C GLU H 68 12.30 -8.05 -6.37
N ARG H 69 11.95 -6.95 -5.71
CA ARG H 69 11.09 -5.92 -6.30
C ARG H 69 11.82 -5.01 -7.26
N ILE H 70 13.02 -4.54 -6.90
CA ILE H 70 13.73 -3.59 -7.76
C ILE H 70 14.09 -4.24 -9.09
N ALA H 71 14.69 -5.43 -9.05
CA ALA H 71 15.10 -6.10 -10.28
C ALA H 71 13.90 -6.53 -11.11
N GLY H 72 12.85 -7.01 -10.44
CA GLY H 72 11.62 -7.36 -11.11
C GLY H 72 10.96 -6.21 -11.84
N GLU H 73 11.02 -5.00 -11.28
CA GLU H 73 10.54 -3.82 -12.00
C GLU H 73 11.50 -3.38 -13.11
N ALA H 74 12.82 -3.50 -12.90
CA ALA H 74 13.77 -3.12 -13.93
C ALA H 74 13.73 -4.02 -15.16
N SER H 75 13.36 -5.29 -15.01
CA SER H 75 13.27 -6.17 -16.17
C SER H 75 12.19 -5.74 -17.16
N ARG H 76 11.03 -5.30 -16.66
CA ARG H 76 9.94 -4.90 -17.55
C ARG H 76 10.31 -3.67 -18.35
N LEU H 77 11.08 -2.76 -17.76
CA LEU H 77 11.52 -1.57 -18.50
C LEU H 77 12.40 -1.96 -19.67
N ALA H 78 13.30 -2.93 -19.46
CA ALA H 78 14.13 -3.41 -20.56
C ALA H 78 13.28 -4.10 -21.62
N HIS H 79 12.28 -4.88 -21.20
CA HIS H 79 11.43 -5.57 -22.18
C HIS H 79 10.58 -4.59 -22.99
N TYR H 80 10.13 -3.49 -22.37
CA TYR H 80 9.23 -2.58 -23.04
C TYR H 80 9.89 -1.91 -24.25
N ASN H 81 11.14 -1.49 -24.11
CA ASN H 81 11.83 -0.74 -25.15
C ASN H 81 12.62 -1.64 -26.10
N LYS H 82 12.28 -2.93 -26.15
CA LYS H 82 12.92 -3.88 -27.07
C LYS H 82 14.43 -3.90 -26.91
N ARG H 83 14.88 -3.93 -25.65
CA ARG H 83 16.29 -4.02 -25.32
C ARG H 83 16.58 -5.38 -24.69
N SER H 84 17.86 -5.63 -24.44
CA SER H 84 18.27 -6.94 -23.92
C SER H 84 19.24 -6.88 -22.75
N THR H 85 19.74 -5.71 -22.38
CA THR H 85 20.70 -5.58 -21.29
C THR H 85 20.11 -4.72 -20.17
N ILE H 86 20.35 -5.13 -18.93
CA ILE H 86 19.98 -4.34 -17.77
C ILE H 86 21.20 -3.54 -17.36
N THR H 87 21.25 -2.29 -17.78
CA THR H 87 22.37 -1.42 -17.44
C THR H 87 21.99 -0.55 -16.23
N SER H 88 22.84 0.42 -15.91
CA SER H 88 22.64 1.23 -14.71
C SER H 88 21.45 2.16 -14.80
N ARG H 89 20.95 2.45 -16.00
CA ARG H 89 19.85 3.40 -16.14
C ARG H 89 18.52 2.80 -15.68
N GLU H 90 18.27 1.54 -16.02
CA GLU H 90 17.02 0.91 -15.63
C GLU H 90 16.91 0.82 -14.11
N ILE H 91 18.04 0.53 -13.44
CA ILE H 91 18.03 0.51 -11.98
C ILE H 91 17.67 1.87 -11.43
N GLN H 92 18.25 2.94 -12.01
CA GLN H 92 17.98 4.29 -11.53
C GLN H 92 16.50 4.65 -11.71
N THR H 93 15.92 4.34 -12.86
CA THR H 93 14.51 4.67 -13.09
C THR H 93 13.55 3.70 -12.42
N ALA H 94 14.02 2.55 -11.95
CA ALA H 94 13.17 1.66 -11.17
C ALA H 94 13.20 2.02 -9.69
N VAL H 95 14.31 2.54 -9.19
CA VAL H 95 14.35 3.09 -7.84
C VAL H 95 13.44 4.30 -7.72
N ARG H 96 13.38 5.15 -8.75
CA ARG H 96 12.56 6.34 -8.77
C ARG H 96 11.08 6.02 -8.97
N LEU H 97 10.74 4.74 -9.14
CA LEU H 97 9.36 4.32 -9.34
C LEU H 97 8.76 3.60 -8.13
N LEU H 98 9.57 3.05 -7.23
CA LEU H 98 9.07 2.29 -6.10
C LEU H 98 9.19 3.02 -4.77
N LEU H 99 10.35 3.59 -4.46
CA LEU H 99 10.51 4.32 -3.22
C LEU H 99 9.66 5.58 -3.23
N PRO H 100 8.97 5.87 -2.13
CA PRO H 100 8.06 7.02 -2.10
C PRO H 100 8.76 8.33 -1.76
N GLY H 101 8.45 9.38 -2.51
CA GLY H 101 8.82 10.73 -2.16
C GLY H 101 10.30 11.01 -1.95
N GLU H 102 10.66 11.36 -0.71
CA GLU H 102 11.96 11.96 -0.44
C GLU H 102 13.06 10.92 -0.35
N LEU H 103 12.71 9.64 -0.16
CA LEU H 103 13.71 8.59 -0.08
C LEU H 103 14.44 8.41 -1.42
N ALA H 104 13.71 8.60 -2.53
CA ALA H 104 14.28 8.35 -3.84
C ALA H 104 15.43 9.29 -4.13
N LYS H 105 15.32 10.56 -3.73
CA LYS H 105 16.40 11.50 -3.94
C LYS H 105 17.70 11.03 -3.29
N HIS H 106 17.63 10.64 -2.01
CA HIS H 106 18.82 10.17 -1.31
C HIS H 106 19.34 8.87 -1.90
N ALA H 107 18.45 7.96 -2.29
CA ALA H 107 18.91 6.70 -2.88
C ALA H 107 19.66 6.93 -4.17
N VAL H 108 19.11 7.79 -5.04
CA VAL H 108 19.78 8.10 -6.31
C VAL H 108 21.10 8.80 -6.06
N SER H 109 21.12 9.77 -5.15
CA SER H 109 22.34 10.49 -4.84
C SER H 109 23.42 9.60 -4.25
N GLU H 110 23.03 8.54 -3.54
CA GLU H 110 24.00 7.61 -2.99
C GLU H 110 24.47 6.58 -4.01
N GLY H 111 23.63 6.18 -4.95
CA GLY H 111 24.05 5.26 -5.99
C GLY H 111 24.95 5.89 -7.04
N THR H 112 24.58 7.08 -7.50
CA THR H 112 25.36 7.76 -8.54
C THR H 112 26.70 8.26 -8.03
N LYS H 113 26.90 8.33 -6.72
CA LYS H 113 28.19 8.66 -6.14
C LYS H 113 29.10 7.45 -5.98
N ALA H 114 28.53 6.28 -5.73
CA ALA H 114 29.31 5.04 -5.70
C ALA H 114 29.73 4.61 -7.10
N VAL H 115 28.86 4.78 -8.09
CA VAL H 115 29.20 4.35 -9.45
C VAL H 115 30.39 5.13 -9.98
N THR H 116 30.38 6.45 -9.80
CA THR H 116 31.47 7.28 -10.33
C THR H 116 32.78 7.00 -9.60
N LYS H 117 32.71 6.60 -8.35
CA LYS H 117 33.93 6.27 -7.65
C LYS H 117 34.45 4.97 -8.21
N TYR H 118 33.55 4.01 -8.42
CA TYR H 118 33.99 2.72 -8.92
C TYR H 118 34.65 2.84 -10.29
N THR H 119 34.06 3.64 -11.18
CA THR H 119 34.53 3.63 -12.56
C THR H 119 35.88 4.32 -12.72
N SER H 120 36.24 5.24 -11.81
CA SER H 120 37.50 5.96 -11.89
C SER H 120 38.53 5.43 -10.91
N ALA H 121 38.40 4.17 -10.49
CA ALA H 121 39.28 3.58 -9.50
C ALA H 121 40.45 2.88 -10.20
N LYS H 122 41.17 2.06 -9.43
CA LYS H 122 42.33 1.32 -9.94
C LYS H 122 42.01 0.52 -11.19
N ASP K 42 25.91 53.81 24.28
CA ASP K 42 27.30 53.42 24.30
C ASP K 42 27.49 52.01 23.73
N GLU K 43 28.74 51.57 23.70
CA GLU K 43 29.10 50.24 23.22
C GLU K 43 28.66 49.16 24.21
N ALA K 44 28.89 49.39 25.50
CA ALA K 44 28.46 48.42 26.51
C ALA K 44 26.95 48.25 26.52
N LEU K 45 26.22 49.36 26.38
CA LEU K 45 24.76 49.27 26.25
C LEU K 45 24.37 48.51 24.99
N VAL K 46 25.07 48.76 23.89
CA VAL K 46 24.80 48.03 22.65
C VAL K 46 25.26 46.58 22.78
N GLU K 47 26.40 46.36 23.44
CA GLU K 47 26.93 45.00 23.58
C GLU K 47 25.95 44.11 24.34
N GLU K 48 25.37 44.63 25.44
CA GLU K 48 24.35 43.86 26.15
C GLU K 48 23.10 43.69 25.30
N LEU K 49 22.76 44.70 24.48
CA LEU K 49 21.68 44.55 23.52
C LEU K 49 22.01 43.48 22.49
N ALA K 50 23.25 43.48 21.99
CA ALA K 50 23.67 42.43 21.07
C ALA K 50 23.76 41.07 21.76
N ASN K 51 24.26 41.05 23.00
CA ASN K 51 24.38 39.79 23.71
C ASN K 51 23.02 39.15 23.95
N PHE K 52 22.03 39.95 24.36
CA PHE K 52 20.68 39.41 24.57
C PHE K 52 20.00 39.07 23.26
N ARG K 53 20.38 39.75 22.16
CA ARG K 53 19.79 39.45 20.86
C ARG K 53 20.11 38.03 20.43
N THR K 54 21.33 37.57 20.70
CA THR K 54 21.70 36.20 20.37
C THR K 54 20.90 35.18 21.16
N LEU K 55 20.32 35.57 22.30
CA LEU K 55 19.61 34.62 23.14
C LEU K 55 18.14 34.47 22.74
N VAL K 56 17.57 35.49 22.10
CA VAL K 56 16.15 35.44 21.77
C VAL K 56 15.92 34.78 20.41
N TYR K 57 16.84 34.96 19.46
CA TYR K 57 16.66 34.47 18.11
C TYR K 57 17.27 33.09 17.92
N CYS K 58 16.65 32.32 17.03
CA CYS K 58 17.22 31.05 16.61
C CYS K 58 18.58 31.27 15.96
N SER K 59 19.58 30.49 16.40
CA SER K 59 20.92 30.66 15.88
C SER K 59 21.00 30.31 14.40
N LEU K 60 20.25 29.30 13.95
CA LEU K 60 20.24 28.94 12.55
C LEU K 60 19.65 30.06 11.69
N CYS K 61 18.53 30.63 12.13
CA CYS K 61 17.83 31.61 11.31
C CYS K 61 18.20 33.05 11.66
N SER K 62 18.35 33.37 12.95
CA SER K 62 18.62 34.73 13.42
C SER K 62 17.55 35.71 12.96
N LYS K 63 16.32 35.22 12.80
CA LYS K 63 15.21 36.04 12.35
C LYS K 63 13.94 35.89 13.17
N ASN K 64 13.77 34.79 13.90
CA ASN K 64 12.56 34.54 14.66
C ASN K 64 12.91 34.18 16.10
N TRP K 65 11.97 34.43 17.01
CA TRP K 65 12.17 34.10 18.40
C TRP K 65 12.29 32.60 18.60
N LYS K 66 13.09 32.21 19.59
CA LYS K 66 13.22 30.79 19.93
C LYS K 66 11.88 30.26 20.41
N ASN K 67 11.39 29.23 19.73
CA ASN K 67 10.04 28.74 20.00
C ASN K 67 9.99 27.24 20.23
N MET K 68 10.88 26.49 19.59
CA MET K 68 10.83 25.03 19.61
C MET K 68 11.98 24.49 20.45
N ALA K 69 11.66 23.55 21.34
CA ALA K 69 12.64 22.93 22.22
C ALA K 69 12.58 21.43 22.08
N ILE K 70 13.72 20.77 22.27
CA ILE K 70 13.84 19.32 22.17
C ILE K 70 13.91 18.75 23.58
N LYS K 71 13.10 17.72 23.84
CA LYS K 71 13.08 17.13 25.17
C LYS K 71 14.40 16.47 25.52
N THR K 72 15.03 15.82 24.55
CA THR K 72 16.23 15.03 24.83
C THR K 72 17.38 15.88 25.36
N CYS K 73 17.61 17.05 24.75
CA CYS K 73 18.74 17.89 25.12
C CYS K 73 18.35 19.21 25.77
N GLY K 74 17.10 19.65 25.64
CA GLY K 74 16.67 20.88 26.25
C GLY K 74 17.00 22.14 25.47
N HIS K 75 17.68 22.01 24.33
CA HIS K 75 18.03 23.18 23.54
C HIS K 75 16.79 23.74 22.83
N VAL K 76 16.76 25.06 22.69
CA VAL K 76 15.58 25.76 22.19
C VAL K 76 15.96 26.48 20.91
N PHE K 77 15.18 26.24 19.85
CA PHE K 77 15.33 26.95 18.59
C PHE K 77 13.96 27.42 18.11
N CYS K 78 13.86 27.94 16.90
CA CYS K 78 12.58 28.36 16.37
C CYS K 78 11.87 27.17 15.71
N GLU K 79 10.55 27.28 15.61
CA GLU K 79 9.76 26.19 15.04
C GLU K 79 10.02 26.03 13.55
N ASN K 80 10.28 27.14 12.84
CA ASN K 80 10.41 27.09 11.39
C ASN K 80 11.71 26.38 10.99
N CYS K 81 12.84 26.75 11.60
CA CYS K 81 14.11 26.13 11.22
C CYS K 81 14.13 24.65 11.56
N CYS K 82 13.40 24.24 12.60
CA CYS K 82 13.46 22.85 13.04
C CYS K 82 12.75 21.93 12.05
N LYS K 83 11.59 22.35 11.54
CA LYS K 83 10.78 21.47 10.73
C LYS K 83 11.47 21.10 9.42
N GLU K 84 12.13 22.07 8.78
CA GLU K 84 12.80 21.79 7.51
C GLU K 84 13.93 20.79 7.71
N ARG K 85 14.55 20.80 8.88
CA ARG K 85 15.56 19.78 9.18
C ARG K 85 14.93 18.39 9.25
N LEU K 86 13.74 18.29 9.85
CA LEU K 86 13.04 17.02 9.96
C LEU K 86 12.64 16.45 8.60
N ALA K 87 12.49 17.31 7.59
CA ALA K 87 12.23 16.85 6.23
C ALA K 87 13.51 16.59 5.44
N ALA K 88 14.68 16.90 6.00
CA ALA K 88 15.96 16.66 5.37
C ALA K 88 16.65 15.42 5.94
N ARG K 89 15.92 14.64 6.72
CA ARG K 89 16.43 13.42 7.33
C ARG K 89 17.71 13.62 8.15
N MET K 90 17.69 14.65 8.98
CA MET K 90 18.80 14.98 9.89
C MET K 90 18.25 14.98 11.30
N ARG K 91 18.42 13.88 12.02
CA ARG K 91 17.89 13.75 13.37
C ARG K 91 18.90 13.96 14.50
N LYS K 92 19.98 14.67 14.20
CA LYS K 92 21.00 14.94 15.20
C LYS K 92 20.98 16.41 15.59
N CYS K 93 21.10 16.67 16.88
CA CYS K 93 21.05 18.04 17.38
C CYS K 93 22.23 18.85 16.84
N PRO K 94 22.01 20.08 16.38
CA PRO K 94 23.15 20.89 15.93
C PRO K 94 24.13 21.21 17.04
N THR K 95 23.69 21.19 18.29
CA THR K 95 24.53 21.59 19.41
C THR K 95 25.10 20.40 20.17
N CYS K 96 24.26 19.53 20.69
CA CYS K 96 24.71 18.41 21.52
C CYS K 96 24.78 17.09 20.75
N ASN K 97 24.41 17.09 19.47
CA ASN K 97 24.54 15.96 18.55
C ASN K 97 23.69 14.76 18.94
N LYS K 98 22.91 14.87 20.02
CA LYS K 98 22.08 13.74 20.45
C LYS K 98 20.93 13.49 19.47
N ALA K 99 20.65 12.24 19.16
CA ALA K 99 19.56 11.89 18.26
C ALA K 99 18.22 12.24 18.88
N PHE K 100 17.26 12.56 18.03
CA PHE K 100 15.92 12.94 18.48
C PHE K 100 14.92 12.58 17.40
N SER K 101 13.64 12.69 17.77
CA SER K 101 12.54 12.38 16.85
C SER K 101 11.51 13.49 16.94
N SER K 102 10.46 13.37 16.13
CA SER K 102 9.45 14.42 16.05
C SER K 102 8.69 14.60 17.36
N ASN K 103 8.36 13.49 18.01
CA ASN K 103 7.56 13.56 19.25
C ASN K 103 8.29 14.28 20.38
N ASP K 104 9.62 14.39 20.30
CA ASP K 104 10.40 15.06 21.33
C ASP K 104 10.42 16.57 21.17
N LEU K 105 9.55 17.12 20.33
CA LEU K 105 9.50 18.56 20.10
C LEU K 105 8.42 19.18 20.99
N LEU K 106 8.83 20.15 21.81
CA LEU K 106 7.94 20.84 22.73
C LEU K 106 8.01 22.34 22.47
N THR K 107 6.86 22.98 22.37
CA THR K 107 6.81 24.43 22.21
C THR K 107 7.15 25.13 23.52
N VAL K 108 7.67 26.35 23.40
CA VAL K 108 7.96 27.19 24.55
C VAL K 108 7.34 28.56 24.33
N HIS K 109 7.13 29.28 25.41
CA HIS K 109 6.54 30.61 25.38
C HIS K 109 7.52 31.61 26.00
N LEU K 110 7.67 32.76 25.35
CA LEU K 110 8.59 33.81 25.78
C LEU K 110 10.01 33.28 25.89
N ASP L 42 19.51 56.81 23.36
CA ASP L 42 18.13 57.01 22.91
C ASP L 42 17.23 55.96 23.56
N GLU L 43 16.24 56.43 24.33
CA GLU L 43 15.29 55.52 24.96
C GLU L 43 14.70 54.52 23.98
N ALA L 44 14.90 54.73 22.67
CA ALA L 44 14.31 53.83 21.68
C ALA L 44 14.84 52.41 21.85
N LEU L 45 16.15 52.26 22.04
CA LEU L 45 16.72 50.94 22.28
C LEU L 45 16.84 50.59 23.75
N VAL L 46 16.59 51.55 24.66
CA VAL L 46 16.56 51.22 26.08
C VAL L 46 15.34 50.37 26.40
N GLU L 47 14.18 50.71 25.82
CA GLU L 47 12.98 49.91 26.04
C GLU L 47 13.13 48.50 25.50
N GLU L 48 13.82 48.34 24.36
CA GLU L 48 14.02 47.01 23.80
C GLU L 48 14.82 46.13 24.74
N LEU L 49 15.89 46.68 25.35
CA LEU L 49 16.69 45.91 26.28
C LEU L 49 15.88 45.49 27.50
N ALA L 50 15.10 46.42 28.05
CA ALA L 50 14.21 46.08 29.16
C ALA L 50 13.18 45.06 28.73
N ASN L 51 12.62 45.22 27.53
CA ASN L 51 11.74 44.20 26.97
C ASN L 51 12.48 42.89 26.79
N PHE L 52 13.73 42.96 26.31
CA PHE L 52 14.57 41.76 26.25
C PHE L 52 14.89 41.23 27.64
N ARG L 53 15.15 42.13 28.60
CA ARG L 53 15.51 41.69 29.94
C ARG L 53 14.36 40.95 30.62
N THR L 54 13.15 41.53 30.59
CA THR L 54 12.01 40.87 31.23
C THR L 54 11.61 39.58 30.52
N LEU L 55 11.95 39.43 29.23
CA LEU L 55 11.64 38.20 28.53
C LEU L 55 12.49 37.04 29.04
N VAL L 56 13.77 37.30 29.32
CA VAL L 56 14.66 36.21 29.71
C VAL L 56 14.72 36.06 31.22
N TYR L 57 14.50 37.14 31.96
CA TYR L 57 14.47 37.07 33.41
C TYR L 57 13.17 36.46 33.89
N CYS L 58 13.24 35.73 35.01
CA CYS L 58 12.04 35.16 35.60
C CYS L 58 11.10 36.28 36.04
N SER L 59 9.85 36.24 35.56
CA SER L 59 8.89 37.28 35.91
C SER L 59 8.54 37.30 37.38
N LEU L 60 8.85 36.23 38.12
CA LEU L 60 8.59 36.18 39.56
C LEU L 60 9.67 36.91 40.37
N CYS L 61 10.92 36.47 40.24
CA CYS L 61 12.01 37.02 41.03
C CYS L 61 12.78 38.13 40.31
N SER L 62 12.79 38.13 38.98
CA SER L 62 13.54 39.10 38.19
C SER L 62 15.03 39.08 38.54
N LYS L 63 15.53 37.91 38.95
CA LYS L 63 16.93 37.75 39.32
C LYS L 63 17.59 36.53 38.70
N ASN L 64 16.83 35.65 38.03
CA ASN L 64 17.36 34.43 37.48
C ASN L 64 16.88 34.25 36.05
N TRP L 65 17.68 33.53 35.27
CA TRP L 65 17.33 33.24 33.89
C TRP L 65 16.16 32.25 33.84
N LYS L 66 15.50 32.21 32.68
CA LYS L 66 14.42 31.24 32.45
C LYS L 66 15.05 29.92 32.05
N ASN L 67 15.32 29.07 33.03
CA ASN L 67 16.01 27.80 32.80
C ASN L 67 15.22 26.57 33.24
N MET L 68 14.03 26.75 33.80
CA MET L 68 13.17 25.62 34.20
C MET L 68 11.79 25.85 33.60
N ALA L 69 11.47 25.08 32.57
CA ALA L 69 10.20 25.20 31.87
C ALA L 69 9.23 24.12 32.33
N ILE L 70 7.94 24.36 32.06
CA ILE L 70 6.88 23.44 32.45
C ILE L 70 6.42 22.69 31.19
N LYS L 71 6.31 21.37 31.31
CA LYS L 71 5.95 20.54 30.15
C LYS L 71 4.47 20.64 29.80
N THR L 72 3.62 20.87 30.80
CA THR L 72 2.20 20.88 30.52
C THR L 72 1.67 22.00 29.63
N CYS L 73 2.19 23.21 29.81
CA CYS L 73 1.63 24.33 29.06
C CYS L 73 2.68 25.20 28.37
N GLY L 74 3.97 24.85 28.42
CA GLY L 74 4.98 25.52 27.63
C GLY L 74 5.56 26.79 28.23
N HIS L 75 5.15 27.17 29.43
CA HIS L 75 5.74 28.35 30.07
C HIS L 75 7.12 28.00 30.64
N VAL L 76 7.93 29.04 30.82
CA VAL L 76 9.31 28.90 31.27
C VAL L 76 9.55 29.86 32.43
N PHE L 77 10.21 29.38 33.48
CA PHE L 77 10.60 30.21 34.61
C PHE L 77 11.99 29.75 35.06
N CYS L 78 12.40 30.18 36.24
CA CYS L 78 13.67 29.77 36.81
C CYS L 78 13.45 28.63 37.80
N GLU L 79 14.50 27.84 38.00
CA GLU L 79 14.43 26.73 38.96
C GLU L 79 14.28 27.25 40.39
N ASN L 80 14.72 28.48 40.65
CA ASN L 80 14.59 29.05 41.98
C ASN L 80 13.12 29.19 42.38
N CYS L 81 12.28 29.66 41.45
CA CYS L 81 10.88 29.91 41.75
C CYS L 81 9.98 28.70 41.51
N CYS L 82 10.56 27.54 41.16
CA CYS L 82 9.76 26.36 40.90
C CYS L 82 9.59 25.47 42.13
N LYS L 83 10.70 25.05 42.76
CA LYS L 83 10.61 24.12 43.87
C LYS L 83 10.06 24.75 45.14
N GLU L 84 10.11 26.08 45.27
CA GLU L 84 9.47 26.72 46.42
C GLU L 84 7.96 26.54 46.39
N ARG L 85 7.37 26.49 45.20
CA ARG L 85 5.94 26.25 45.07
C ARG L 85 5.56 24.82 45.41
N LEU L 86 6.41 23.84 45.08
CA LEU L 86 6.12 22.46 45.42
C LEU L 86 6.18 22.19 46.91
N ALA L 87 6.78 23.10 47.69
CA ALA L 87 6.76 22.96 49.14
C ALA L 87 5.34 23.03 49.68
N ALA L 88 4.52 23.93 49.13
CA ALA L 88 3.12 24.05 49.49
C ALA L 88 2.20 23.35 48.52
N ARG L 89 2.77 22.50 47.66
CA ARG L 89 2.05 21.75 46.64
C ARG L 89 1.25 22.65 45.69
N MET L 90 1.92 23.67 45.16
CA MET L 90 1.34 24.62 44.21
C MET L 90 1.37 24.05 42.80
N ARG L 91 0.55 23.02 42.57
CA ARG L 91 0.48 22.38 41.26
C ARG L 91 -0.18 23.28 40.22
N LYS L 92 -0.80 24.37 40.67
CA LYS L 92 -1.42 25.29 39.73
C LYS L 92 -0.39 26.25 39.18
N CYS L 93 -0.25 26.26 37.85
CA CYS L 93 0.68 27.17 37.21
C CYS L 93 0.17 28.61 37.35
N PRO L 94 1.07 29.59 37.38
CA PRO L 94 0.63 30.98 37.57
C PRO L 94 -0.02 31.58 36.34
N THR L 95 0.59 31.34 35.17
CA THR L 95 0.22 32.06 33.96
C THR L 95 -1.20 31.70 33.50
N CYS L 96 -1.39 30.40 33.30
CA CYS L 96 -2.64 29.84 32.83
C CYS L 96 -3.38 29.12 33.95
N ASN L 97 -2.72 28.98 35.09
CA ASN L 97 -3.32 28.35 36.28
C ASN L 97 -3.91 26.95 36.07
N LYS L 98 -3.01 25.99 36.01
CA LYS L 98 -3.28 24.58 35.85
C LYS L 98 -2.42 23.80 36.84
N ALA L 99 -2.70 22.52 36.97
CA ALA L 99 -1.94 21.67 37.86
C ALA L 99 -0.77 21.08 37.10
N PHE L 100 0.09 20.34 37.78
CA PHE L 100 1.22 19.68 37.14
C PHE L 100 1.64 18.42 37.89
N SER L 101 2.93 18.08 37.83
CA SER L 101 3.47 16.90 38.50
C SER L 101 4.98 16.97 38.67
N SER L 102 5.60 15.82 38.90
CA SER L 102 7.06 15.75 39.08
C SER L 102 7.77 15.61 37.74
N ASN L 103 7.09 15.03 36.76
CA ASN L 103 7.69 14.84 35.44
C ASN L 103 7.26 15.91 34.47
N ASP L 104 6.65 16.98 34.98
CA ASP L 104 6.25 18.05 34.08
C ASP L 104 7.24 19.20 34.10
N LEU L 105 8.31 19.03 34.86
CA LEU L 105 9.33 20.08 34.85
C LEU L 105 10.54 19.59 34.07
N LEU L 106 10.92 20.34 33.04
CA LEU L 106 12.01 19.97 32.16
C LEU L 106 13.09 21.04 32.19
N THR L 107 14.35 20.59 32.28
CA THR L 107 15.47 21.51 32.24
C THR L 107 15.66 22.05 30.83
N VAL L 108 15.82 23.37 30.72
CA VAL L 108 16.08 24.01 29.44
C VAL L 108 17.32 24.88 29.58
N HIS L 109 17.98 25.13 28.45
CA HIS L 109 19.22 25.88 28.42
C HIS L 109 19.09 27.05 27.46
N LEU L 110 19.72 28.17 27.83
CA LEU L 110 19.71 29.38 27.01
C LEU L 110 18.30 29.86 26.72
ZN ZN M . 21.02 19.31 21.90
ZN ZN N . 15.48 29.57 13.32
ZN ZN O . 0.42 27.72 32.09
ZN ZN P . 12.31 33.25 39.56
#